data_3ENH
#
_entry.id   3ENH
#
_cell.length_a   76.990
_cell.length_b   106.910
_cell.length_c   209.480
_cell.angle_alpha   90.00
_cell.angle_beta   90.00
_cell.angle_gamma   90.00
#
_symmetry.space_group_name_H-M   'P 21 21 21'
#
loop_
_entity.id
_entity.type
_entity.pdbx_description
1 polymer 'Putative O-sialoglycoprotein endopeptidase'
2 polymer 'Uncharacterized protein MJ0187'
3 non-polymer 'HEXATANTALUM DODECABROMIDE'
#
loop_
_entity_poly.entity_id
_entity_poly.type
_entity_poly.pdbx_seq_one_letter_code
_entity_poly.pdbx_strand_id
1 'polypeptide(L)'
;GAMDPMICLGLEGTAEKTGVGIVTSDGEVLFNKTIMYKPPKQGINPREAADHHAETFPKLIKEAFEVVDKNEIDLIAFSQ
GPGLGPSLRVTATVARTLSLTLKKPIIGVNHCIAHIEIGKLTTEAEDPLTLYVSGGNTQVIAYVSKKYRVFGETLDIAVG
NCLDQFARYVNLPHPGGPYIEELARKGKKLVDLPYTVKGMDIAFSGLLTAAMRAYDAGERLEDICYSLQEYAFSMLTEIT
ERALAHTNKGEVMLVGGVAANNRLREMLKAMCEGQNVDFYVPPKEFCGDNGAMIAWLGLLMHKNGRWMSLDETKIIPNYR
TDMVEVNWIKEIKGKKRKIPEHLIGKGAEADIKRDSYLDFDVIIKERVKKGYRDERLDENIRKSRTAREARYLALVKDFG
IPAPYIFDVDLDNKRIMMSYINGKLAKDVIEDNLDIAYKIGEIVGKLHKNDVIHNDLTTSNFIFDKDLYIIDFGLGKISN
LDEDKAVDLIVFKKAVLSTHHEKFDEIWERFLEGYKSVYDRWEIILELMKDVERRARYVE
;
A,B
2 'polypeptide(L)'
;GAMDPMIIRGIRGARINNEIFNLGLKFQILNADVVATKKHVLHAINQAKTKKPIAKSFWMEILVRASGQRQIHEAIKIIG
AKDGNVCLICEDEETFRKIYELIGGEIDDSVLEINEDKERLIREIFKIRGFGNVVERVLEKIALIELKKE
;
C,D
#
# COMPACT_ATOMS: atom_id res chain seq x y z
N MET A 6 -11.46 22.62 -5.30
CA MET A 6 -11.37 24.01 -4.77
C MET A 6 -10.04 24.29 -4.11
N ILE A 7 -9.69 25.58 -4.04
CA ILE A 7 -8.36 26.04 -3.63
C ILE A 7 -8.10 25.92 -2.11
N CYS A 8 -6.81 25.85 -1.74
CA CYS A 8 -6.41 25.46 -0.39
C CYS A 8 -5.22 26.23 0.20
N LEU A 9 -5.31 26.50 1.50
CA LEU A 9 -4.24 27.15 2.27
C LEU A 9 -3.51 26.12 3.13
N GLY A 10 -2.19 26.28 3.21
CA GLY A 10 -1.33 25.41 4.00
C GLY A 10 -0.48 26.14 5.00
N LEU A 11 -0.22 25.49 6.13
CA LEU A 11 0.61 26.04 7.21
C LEU A 11 1.88 25.21 7.41
N GLU A 12 3.02 25.90 7.35
CA GLU A 12 4.33 25.27 7.52
C GLU A 12 4.99 25.73 8.81
N GLY A 13 5.33 24.76 9.67
CA GLY A 13 6.00 25.06 10.92
C GLY A 13 6.69 23.88 11.57
N THR A 14 7.49 23.14 10.79
CA THR A 14 8.23 21.99 11.29
C THR A 14 9.51 22.37 12.05
N ALA A 15 10.21 23.38 11.55
CA ALA A 15 11.51 23.75 12.12
C ALA A 15 11.61 25.22 12.56
N GLU A 16 12.29 26.02 11.74
CA GLU A 16 12.63 27.41 12.07
C GLU A 16 11.87 28.45 11.22
N LYS A 17 11.46 28.05 10.02
CA LYS A 17 10.71 28.92 9.14
C LYS A 17 9.23 28.75 9.42
N THR A 18 8.53 29.89 9.53
CA THR A 18 7.07 29.90 9.70
C THR A 18 6.45 30.28 8.36
N GLY A 19 5.82 29.31 7.71
CA GLY A 19 5.33 29.49 6.35
C GLY A 19 3.84 29.42 6.19
N VAL A 20 3.24 30.51 5.72
CA VAL A 20 1.84 30.51 5.32
C VAL A 20 1.81 30.56 3.80
N GLY A 21 0.91 29.78 3.20
CA GLY A 21 0.80 29.72 1.74
C GLY A 21 -0.50 29.12 1.26
N ILE A 22 -1.06 29.72 0.21
CA ILE A 22 -2.33 29.26 -0.36
C ILE A 22 -2.22 29.06 -1.88
N VAL A 23 -2.51 27.86 -2.34
CA VAL A 23 -2.40 27.53 -3.76
C VAL A 23 -3.71 27.05 -4.36
N THR A 24 -3.81 27.16 -5.68
CA THR A 24 -4.98 26.72 -6.44
C THR A 24 -4.96 25.23 -6.70
N SER A 25 -6.13 24.67 -7.01
CA SER A 25 -6.24 23.28 -7.42
C SER A 25 -5.59 23.00 -8.78
N ASP A 26 -5.38 24.07 -9.55
CA ASP A 26 -4.74 23.98 -10.86
C ASP A 26 -3.22 23.95 -10.76
N GLY A 27 -2.65 24.84 -9.94
CA GLY A 27 -1.22 24.88 -9.71
C GLY A 27 -0.56 26.25 -9.65
N GLU A 28 -1.29 27.24 -9.17
CA GLU A 28 -0.74 28.60 -9.01
C GLU A 28 -0.79 29.06 -7.54
N VAL A 29 0.34 29.58 -7.07
CA VAL A 29 0.48 30.07 -5.72
C VAL A 29 -0.14 31.46 -5.57
N LEU A 30 -1.05 31.60 -4.61
CA LEU A 30 -1.69 32.89 -4.36
C LEU A 30 -0.90 33.68 -3.32
N PHE A 31 -0.67 33.07 -2.16
CA PHE A 31 0.17 33.66 -1.12
C PHE A 31 1.29 32.72 -0.71
N ASN A 32 2.48 33.28 -0.52
CA ASN A 32 3.66 32.51 -0.11
C ASN A 32 4.68 33.39 0.59
N LYS A 33 4.51 33.57 1.90
CA LYS A 33 5.48 34.28 2.71
C LYS A 33 5.91 33.48 3.93
N THR A 34 7.16 33.66 4.33
CA THR A 34 7.79 32.83 5.36
C THR A 34 8.77 33.64 6.20
N ILE A 35 8.51 33.75 7.51
CA ILE A 35 9.39 34.52 8.41
C ILE A 35 10.30 33.61 9.24
N MET A 36 11.57 34.01 9.37
CA MET A 36 12.60 33.16 9.98
C MET A 36 12.90 33.58 11.42
N GLU A 48 15.23 26.26 21.32
CA GLU A 48 13.78 26.05 21.23
C GLU A 48 12.98 27.38 21.13
N ALA A 49 12.34 27.58 19.98
CA ALA A 49 11.52 28.77 19.74
C ALA A 49 10.22 28.44 19.00
N ALA A 50 9.27 27.83 19.72
CA ALA A 50 7.93 27.58 19.20
C ALA A 50 7.09 28.84 19.29
N ASP A 51 7.46 29.73 20.21
CA ASP A 51 6.87 31.06 20.31
C ASP A 51 6.96 31.80 18.99
N HIS A 52 8.06 31.61 18.28
CA HIS A 52 8.24 32.19 16.96
C HIS A 52 7.13 31.75 16.02
N HIS A 53 6.77 30.48 16.06
CA HIS A 53 5.63 30.01 15.30
C HIS A 53 4.32 30.54 15.88
N ALA A 54 4.23 30.59 17.21
CA ALA A 54 3.03 31.01 17.90
C ALA A 54 2.76 32.53 17.81
N GLU A 55 3.70 33.26 17.22
CA GLU A 55 3.57 34.71 17.07
C GLU A 55 3.64 35.16 15.61
N THR A 56 4.33 34.38 14.79
CA THR A 56 4.48 34.71 13.38
C THR A 56 3.22 34.32 12.60
N PHE A 57 2.67 33.15 12.92
CA PHE A 57 1.48 32.65 12.22
C PHE A 57 0.31 33.65 12.12
N PRO A 58 -0.09 34.28 13.23
CA PRO A 58 -1.16 35.28 13.15
C PRO A 58 -0.85 36.44 12.20
N LYS A 59 0.39 36.91 12.22
CA LYS A 59 0.84 38.00 11.34
C LYS A 59 0.73 37.60 9.87
N LEU A 60 1.37 36.48 9.53
CA LEU A 60 1.39 35.97 8.16
C LEU A 60 0.03 35.53 7.67
N ILE A 61 -0.77 34.97 8.56
CA ILE A 61 -2.11 34.53 8.20
C ILE A 61 -3.06 35.73 8.02
N LYS A 62 -2.70 36.87 8.61
CA LYS A 62 -3.42 38.11 8.38
C LYS A 62 -3.12 38.63 6.97
N GLU A 63 -1.82 38.73 6.65
CA GLU A 63 -1.34 39.19 5.34
C GLU A 63 -1.84 38.29 4.22
N ALA A 64 -2.17 37.05 4.57
CA ALA A 64 -2.74 36.09 3.63
C ALA A 64 -4.19 36.43 3.32
N PHE A 65 -4.98 36.71 4.37
CA PHE A 65 -6.39 37.07 4.21
C PHE A 65 -6.58 38.49 3.67
N GLU A 66 -5.48 39.22 3.56
CA GLU A 66 -5.48 40.52 2.91
C GLU A 66 -5.05 40.39 1.45
N VAL A 67 -4.93 39.15 0.98
CA VAL A 67 -4.58 38.89 -0.41
C VAL A 67 -5.60 37.95 -1.07
N VAL A 68 -6.25 37.13 -0.25
CA VAL A 68 -7.30 36.23 -0.73
C VAL A 68 -8.44 36.13 0.29
N ASP A 69 -9.67 36.25 -0.20
CA ASP A 69 -10.86 36.19 0.64
C ASP A 69 -10.97 34.83 1.33
N LYS A 70 -11.32 34.88 2.62
CA LYS A 70 -11.35 33.70 3.49
C LYS A 70 -12.40 32.68 3.08
N ASN A 71 -13.56 33.19 2.69
CA ASN A 71 -14.72 32.37 2.33
C ASN A 71 -14.45 31.40 1.18
N GLU A 72 -13.63 31.83 0.22
CA GLU A 72 -13.39 31.08 -1.02
C GLU A 72 -12.32 29.99 -0.90
N ILE A 73 -11.74 29.85 0.29
CA ILE A 73 -10.76 28.78 0.53
C ILE A 73 -11.45 27.58 1.17
N ASP A 74 -11.11 26.38 0.72
CA ASP A 74 -11.85 25.18 1.07
C ASP A 74 -11.10 24.14 1.91
N LEU A 75 -9.80 24.31 2.10
CA LEU A 75 -9.00 23.28 2.73
C LEU A 75 -7.84 23.79 3.58
N ILE A 76 -7.69 23.22 4.77
CA ILE A 76 -6.58 23.57 5.65
C ILE A 76 -5.54 22.46 5.72
N ALA A 77 -4.33 22.76 5.24
CA ALA A 77 -3.23 21.81 5.31
C ALA A 77 -2.20 22.29 6.32
N PHE A 78 -1.57 21.34 7.00
CA PHE A 78 -0.51 21.66 7.98
C PHE A 78 0.55 20.56 8.00
N SER A 79 1.81 20.95 7.86
CA SER A 79 2.91 20.00 7.88
C SER A 79 2.98 19.31 9.24
N GLN A 80 2.34 18.15 9.33
CA GLN A 80 2.42 17.33 10.55
C GLN A 80 3.57 16.33 10.47
N GLY A 81 4.26 16.34 9.33
CA GLY A 81 5.35 15.42 9.04
C GLY A 81 6.60 15.70 9.84
N PRO A 82 7.74 15.12 9.42
CA PRO A 82 8.99 15.15 10.19
C PRO A 82 9.33 16.54 10.70
N GLY A 83 9.57 16.65 12.00
CA GLY A 83 9.91 17.93 12.64
C GLY A 83 9.98 17.91 14.15
N LEU A 84 10.21 19.08 14.72
CA LEU A 84 10.29 19.28 16.17
C LEU A 84 8.91 19.16 16.83
N GLY A 85 8.90 18.72 18.09
CA GLY A 85 7.67 18.49 18.84
C GLY A 85 6.79 19.70 19.07
N PRO A 86 7.32 20.74 19.76
CA PRO A 86 6.52 21.94 20.06
C PRO A 86 6.18 22.77 18.81
N SER A 87 7.11 22.82 17.87
CA SER A 87 6.92 23.54 16.61
C SER A 87 5.73 23.00 15.81
N LEU A 88 5.60 21.68 15.79
CA LEU A 88 4.49 21.02 15.11
C LEU A 88 3.13 21.30 15.76
N ARG A 89 3.03 21.10 17.06
CA ARG A 89 1.75 21.25 17.75
C ARG A 89 1.21 22.69 17.74
N VAL A 90 2.10 23.66 17.50
CA VAL A 90 1.70 25.05 17.33
C VAL A 90 1.02 25.20 15.97
N THR A 91 1.64 24.63 14.95
CA THR A 91 1.08 24.60 13.61
C THR A 91 -0.24 23.82 13.60
N ALA A 92 -0.28 22.75 14.38
CA ALA A 92 -1.48 21.94 14.53
C ALA A 92 -2.61 22.69 15.23
N THR A 93 -2.24 23.62 16.12
CA THR A 93 -3.21 24.44 16.82
C THR A 93 -3.85 25.43 15.85
N VAL A 94 -3.01 26.16 15.13
CA VAL A 94 -3.50 27.13 14.16
C VAL A 94 -4.33 26.44 13.07
N ALA A 95 -3.92 25.22 12.70
CA ALA A 95 -4.63 24.43 11.69
C ALA A 95 -6.01 23.98 12.15
N ARG A 96 -6.08 23.49 13.39
CA ARG A 96 -7.35 23.02 13.93
C ARG A 96 -8.33 24.14 14.20
N THR A 97 -7.82 25.34 14.47
CA THR A 97 -8.68 26.52 14.63
C THR A 97 -9.28 26.93 13.29
N LEU A 98 -8.41 27.16 12.30
CA LEU A 98 -8.80 27.50 10.94
C LEU A 98 -9.88 26.59 10.37
N SER A 99 -9.73 25.28 10.57
CA SER A 99 -10.62 24.31 9.93
C SER A 99 -12.05 24.35 10.44
N LEU A 100 -12.25 24.66 11.71
CA LEU A 100 -13.59 24.74 12.27
C LEU A 100 -14.17 26.16 12.25
N THR A 101 -13.31 27.16 12.37
CA THR A 101 -13.74 28.56 12.24
C THR A 101 -14.00 28.95 10.79
N LEU A 102 -13.61 28.07 9.87
CA LEU A 102 -13.94 28.21 8.44
C LEU A 102 -14.91 27.10 8.01
N LYS A 103 -15.08 26.11 8.88
CA LYS A 103 -15.86 24.89 8.60
C LYS A 103 -15.37 24.16 7.35
N LYS A 104 -14.07 24.22 7.12
CA LYS A 104 -13.43 23.56 6.00
C LYS A 104 -12.53 22.43 6.49
N PRO A 105 -12.45 21.31 5.73
CA PRO A 105 -11.63 20.15 6.14
C PRO A 105 -10.17 20.46 6.42
N ILE A 106 -9.60 19.73 7.38
CA ILE A 106 -8.15 19.71 7.67
C ILE A 106 -7.47 18.51 7.05
N ILE A 107 -6.25 18.73 6.56
CA ILE A 107 -5.45 17.66 5.97
C ILE A 107 -3.98 17.67 6.45
N GLY A 108 -3.62 16.66 7.23
CA GLY A 108 -2.26 16.52 7.75
C GLY A 108 -1.33 15.99 6.68
N VAL A 109 -0.34 16.79 6.30
CA VAL A 109 0.58 16.46 5.21
C VAL A 109 1.98 16.15 5.72
N ASN A 110 2.68 15.30 4.97
CA ASN A 110 4.06 14.93 5.24
C ASN A 110 5.02 15.98 4.68
N HIS A 111 5.88 16.50 5.53
CA HIS A 111 6.75 17.62 5.19
C HIS A 111 7.74 17.32 4.06
N CYS A 112 8.36 16.13 4.11
CA CYS A 112 9.37 15.75 3.13
C CYS A 112 8.80 15.65 1.73
N ILE A 113 7.72 14.88 1.59
CA ILE A 113 7.04 14.67 0.30
C ILE A 113 6.51 15.98 -0.29
N ALA A 114 6.09 16.89 0.59
CA ALA A 114 5.65 18.23 0.20
C ALA A 114 6.72 18.97 -0.60
N HIS A 115 7.99 18.78 -0.22
CA HIS A 115 9.14 19.34 -0.95
C HIS A 115 9.25 18.73 -2.34
N ILE A 116 8.98 17.43 -2.46
CA ILE A 116 9.10 16.72 -3.72
C ILE A 116 8.03 17.16 -4.72
N GLU A 117 6.82 17.40 -4.20
CA GLU A 117 5.66 17.71 -5.04
C GLU A 117 5.70 19.09 -5.71
N ILE A 118 6.05 20.12 -4.95
CA ILE A 118 6.24 21.47 -5.53
C ILE A 118 7.58 21.59 -6.25
N GLY A 119 8.34 20.50 -6.25
CA GLY A 119 9.48 20.36 -7.14
C GLY A 119 8.95 19.98 -8.50
N LYS A 120 8.16 18.90 -8.53
CA LYS A 120 7.46 18.46 -9.73
C LYS A 120 6.55 19.55 -10.31
N LEU A 121 5.91 20.31 -9.42
CA LEU A 121 4.94 21.31 -9.83
C LEU A 121 5.58 22.54 -10.46
N THR A 122 6.85 22.78 -10.13
CA THR A 122 7.56 23.95 -10.65
C THR A 122 8.55 23.58 -11.74
N THR A 123 9.34 22.53 -11.50
CA THR A 123 10.30 22.03 -12.49
C THR A 123 9.58 21.17 -13.51
N GLU A 124 10.18 21.00 -14.69
CA GLU A 124 9.61 20.08 -15.66
C GLU A 124 10.01 18.63 -15.36
N ALA A 125 9.95 18.27 -14.08
CA ALA A 125 10.18 16.90 -13.62
C ALA A 125 8.85 16.18 -13.40
N GLU A 126 8.89 14.86 -13.46
CA GLU A 126 7.67 14.05 -13.29
C GLU A 126 7.81 12.88 -12.34
N ASP A 127 8.93 12.15 -12.42
CA ASP A 127 9.21 11.06 -11.48
C ASP A 127 10.70 11.05 -11.09
N PRO A 128 11.10 11.98 -10.21
CA PRO A 128 12.52 12.15 -9.95
C PRO A 128 13.04 11.49 -8.67
N LEU A 129 14.27 11.02 -8.74
CA LEU A 129 15.03 10.66 -7.56
C LEU A 129 15.50 11.96 -6.94
N THR A 130 14.92 12.32 -5.79
CA THR A 130 15.18 13.62 -5.20
C THR A 130 16.15 13.56 -4.03
N LEU A 131 17.16 14.42 -4.06
CA LEU A 131 18.03 14.60 -2.92
C LEU A 131 17.48 15.75 -2.11
N TYR A 132 16.82 15.44 -0.99
CA TYR A 132 16.27 16.45 -0.12
C TYR A 132 17.31 16.83 0.91
N VAL A 133 18.06 17.90 0.61
CA VAL A 133 19.09 18.40 1.52
C VAL A 133 18.68 19.75 2.10
N SER A 134 18.32 19.76 3.38
CA SER A 134 18.01 21.00 4.08
C SER A 134 18.78 21.08 5.40
N GLY A 135 18.74 22.26 6.03
CA GLY A 135 19.36 22.45 7.32
C GLY A 135 18.84 21.46 8.36
N GLY A 136 17.59 21.06 8.20
CA GLY A 136 16.92 20.18 9.15
C GLY A 136 17.25 18.71 8.94
N ASN A 137 17.12 18.26 7.70
CA ASN A 137 17.38 16.86 7.36
C ASN A 137 17.94 16.70 5.96
N THR A 138 18.53 15.53 5.71
CA THR A 138 19.09 15.20 4.42
C THR A 138 18.93 13.72 4.13
N GLN A 139 18.32 13.42 2.99
CA GLN A 139 18.07 12.04 2.59
C GLN A 139 17.61 11.95 1.13
N VAL A 140 17.79 10.79 0.52
CA VAL A 140 17.44 10.54 -0.87
C VAL A 140 16.11 9.80 -0.94
N ILE A 141 15.10 10.44 -1.54
CA ILE A 141 13.77 9.85 -1.66
C ILE A 141 13.35 9.72 -3.13
N ALA A 142 12.84 8.55 -3.49
CA ALA A 142 12.20 8.34 -4.78
C ALA A 142 11.02 7.39 -4.62
N TYR A 143 9.88 7.79 -5.18
CA TYR A 143 8.66 7.00 -5.15
C TYR A 143 8.90 5.66 -5.85
N VAL A 144 8.95 4.60 -5.05
CA VAL A 144 9.08 3.24 -5.56
C VAL A 144 8.09 2.30 -4.89
N SER A 145 7.29 1.64 -5.70
CA SER A 145 6.29 0.68 -5.23
C SER A 145 5.24 1.33 -4.33
N LYS A 146 4.38 2.16 -4.93
CA LYS A 146 3.20 2.75 -4.27
C LYS A 146 3.49 3.63 -3.04
N LYS A 147 4.72 3.61 -2.54
CA LYS A 147 5.12 4.47 -1.44
C LYS A 147 6.35 5.27 -1.82
N TYR A 148 6.53 6.42 -1.16
CA TYR A 148 7.76 7.18 -1.27
C TYR A 148 8.78 6.59 -0.32
N ARG A 149 9.87 6.05 -0.86
CA ARG A 149 10.88 5.41 -0.02
C ARG A 149 12.22 6.15 0.06
N VAL A 150 12.73 6.23 1.29
CA VAL A 150 14.02 6.83 1.56
C VAL A 150 15.14 5.80 1.43
N PHE A 151 16.13 6.12 0.60
CA PHE A 151 17.25 5.23 0.33
C PHE A 151 18.50 5.71 1.05
N GLY A 152 19.13 6.75 0.50
CA GLY A 152 20.23 7.43 1.18
C GLY A 152 19.68 8.21 2.36
N GLU A 153 20.45 8.27 3.44
CA GLU A 153 20.02 8.95 4.65
C GLU A 153 21.21 9.32 5.53
N THR A 154 21.22 10.55 6.04
CA THR A 154 22.18 10.95 7.06
C THR A 154 21.92 10.16 8.33
N LEU A 155 23.01 9.68 8.94
CA LEU A 155 22.92 8.87 10.15
C LEU A 155 23.02 9.74 11.39
N ASP A 156 23.43 10.99 11.22
CA ASP A 156 23.68 11.87 12.35
C ASP A 156 23.03 13.26 12.23
N ILE A 157 23.61 14.13 11.40
CA ILE A 157 23.10 15.48 11.20
C ILE A 157 23.04 15.88 9.73
N ALA A 158 22.09 16.75 9.39
CA ALA A 158 21.89 17.23 8.03
C ALA A 158 23.11 17.98 7.51
N VAL A 159 23.27 18.00 6.19
CA VAL A 159 24.37 18.73 5.53
C VAL A 159 24.28 20.21 5.91
N GLY A 160 23.06 20.73 5.94
CA GLY A 160 22.83 22.10 6.39
C GLY A 160 23.32 22.27 7.80
N ASN A 161 22.80 21.45 8.71
CA ASN A 161 23.18 21.46 10.12
C ASN A 161 24.70 21.38 10.29
N CYS A 162 25.31 20.40 9.63
CA CYS A 162 26.73 20.16 9.72
C CYS A 162 27.57 21.33 9.19
N LEU A 163 27.12 21.92 8.09
CA LEU A 163 27.81 23.05 7.47
C LEU A 163 27.64 24.30 8.34
N ASP A 164 26.39 24.58 8.72
CA ASP A 164 26.06 25.73 9.59
C ASP A 164 26.80 25.69 10.92
N GLN A 165 26.92 24.49 11.48
CA GLN A 165 27.55 24.29 12.79
C GLN A 165 29.02 24.67 12.73
N PHE A 166 29.67 24.33 11.62
CA PHE A 166 31.06 24.73 11.36
C PHE A 166 31.21 26.24 11.28
N ALA A 167 30.33 26.89 10.51
CA ALA A 167 30.33 28.35 10.41
C ALA A 167 30.30 29.01 11.79
N ARG A 168 29.35 28.60 12.63
CA ARG A 168 29.17 29.17 13.96
C ARG A 168 30.39 28.96 14.83
N TYR A 169 31.09 27.87 14.60
CA TYR A 169 32.34 27.56 15.29
C TYR A 169 33.44 28.56 14.91
N VAL A 170 33.46 28.94 13.63
CA VAL A 170 34.43 29.90 13.10
C VAL A 170 33.98 31.35 13.38
N ASN A 171 32.76 31.49 13.91
CA ASN A 171 32.09 32.79 14.13
C ASN A 171 31.87 33.59 12.84
N LEU A 172 31.23 32.94 11.88
CA LEU A 172 30.76 33.59 10.66
C LEU A 172 29.27 33.93 10.85
N PRO A 173 28.75 34.91 10.08
CA PRO A 173 27.35 35.34 10.25
C PRO A 173 26.31 34.21 10.11
N HIS A 174 25.09 34.48 10.57
CA HIS A 174 24.15 33.40 10.89
C HIS A 174 23.49 32.64 9.74
N PRO A 175 23.38 33.25 8.55
CA PRO A 175 23.32 32.36 7.39
C PRO A 175 24.76 31.99 7.01
N GLY A 176 25.29 30.94 7.63
CA GLY A 176 26.68 30.57 7.47
C GLY A 176 26.95 30.10 6.07
N GLY A 177 26.05 29.26 5.59
CA GLY A 177 26.06 28.68 4.24
C GLY A 177 26.78 29.47 3.17
N PRO A 178 26.23 30.64 2.79
CA PRO A 178 26.83 31.48 1.74
C PRO A 178 28.33 31.73 1.91
N TYR A 179 28.75 32.14 3.11
CA TYR A 179 30.13 32.55 3.33
C TYR A 179 31.11 31.39 3.30
N ILE A 180 30.62 30.19 3.63
CA ILE A 180 31.45 28.99 3.54
C ILE A 180 31.60 28.60 2.09
N GLU A 181 30.57 28.87 1.29
CA GLU A 181 30.63 28.69 -0.16
C GLU A 181 31.53 29.73 -0.78
N GLU A 182 31.47 30.95 -0.23
CA GLU A 182 32.32 32.07 -0.65
C GLU A 182 33.80 31.77 -0.44
N LEU A 183 34.16 31.50 0.82
CA LEU A 183 35.54 31.21 1.20
C LEU A 183 36.06 29.95 0.53
N ALA A 184 35.18 28.99 0.28
CA ALA A 184 35.51 27.77 -0.45
C ALA A 184 36.04 28.10 -1.85
N ARG A 185 35.38 29.06 -2.50
CA ARG A 185 35.70 29.43 -3.88
C ARG A 185 37.07 30.08 -4.01
N LYS A 186 37.68 30.38 -2.87
CA LYS A 186 38.99 31.00 -2.81
C LYS A 186 40.06 30.07 -2.23
N GLY A 187 39.68 28.83 -1.91
CA GLY A 187 40.62 27.84 -1.40
C GLY A 187 41.50 27.27 -2.49
N LYS A 188 42.69 26.80 -2.14
CA LYS A 188 43.60 26.19 -3.11
C LYS A 188 44.02 24.77 -2.70
N LYS A 189 44.06 24.52 -1.39
CA LYS A 189 44.52 23.23 -0.87
C LYS A 189 43.35 22.38 -0.34
N LEU A 190 43.23 21.18 -0.89
CA LEU A 190 42.25 20.21 -0.42
C LEU A 190 42.82 19.56 0.84
N VAL A 191 42.24 19.88 1.98
CA VAL A 191 42.70 19.31 3.26
C VAL A 191 42.19 17.88 3.39
N ASP A 192 42.92 17.03 4.11
CA ASP A 192 42.49 15.65 4.37
C ASP A 192 41.38 15.61 5.43
N LEU A 193 40.24 15.05 5.06
CA LEU A 193 39.06 15.04 5.92
C LEU A 193 38.37 13.68 5.84
N PRO A 194 37.60 13.31 6.89
CA PRO A 194 37.03 11.97 6.93
C PRO A 194 35.84 11.77 6.00
N TYR A 195 36.09 11.23 4.82
CA TYR A 195 35.04 10.76 3.92
C TYR A 195 34.41 9.54 4.58
N THR A 196 33.10 9.57 4.79
CA THR A 196 32.42 8.51 5.52
C THR A 196 31.15 8.01 4.83
N VAL A 197 31.21 6.74 4.40
CA VAL A 197 30.07 6.05 3.81
C VAL A 197 29.77 4.78 4.62
N LYS A 198 28.54 4.65 5.08
CA LYS A 198 28.09 3.45 5.78
C LYS A 198 27.04 2.77 4.92
N GLY A 199 27.50 2.01 3.94
CA GLY A 199 26.62 1.33 2.99
C GLY A 199 26.03 2.33 2.04
N MET A 200 24.76 2.65 2.25
CA MET A 200 24.07 3.65 1.44
C MET A 200 23.89 4.97 2.17
N ASP A 201 24.11 4.96 3.48
CA ASP A 201 23.92 6.14 4.30
C ASP A 201 25.20 6.96 4.42
N ILE A 202 25.09 8.16 5.02
CA ILE A 202 26.24 9.04 5.27
C ILE A 202 26.30 9.45 6.74
N ALA A 203 27.51 9.78 7.20
CA ALA A 203 27.71 10.45 8.48
C ALA A 203 28.47 11.74 8.25
N PHE A 204 28.07 12.79 8.97
CA PHE A 204 28.65 14.12 8.79
C PHE A 204 29.41 14.63 10.01
N SER A 205 28.95 14.27 11.19
CA SER A 205 29.55 14.78 12.45
C SER A 205 31.03 14.43 12.62
N GLY A 206 31.50 13.44 11.88
CA GLY A 206 32.93 13.16 11.81
C GLY A 206 33.64 14.25 11.03
N LEU A 207 33.18 14.46 9.80
CA LEU A 207 33.71 15.48 8.91
C LEU A 207 33.66 16.86 9.56
N LEU A 208 32.62 17.10 10.36
CA LEU A 208 32.43 18.36 11.07
C LEU A 208 33.53 18.63 12.08
N THR A 209 33.81 17.65 12.93
CA THR A 209 34.89 17.76 13.93
C THR A 209 36.23 17.89 13.23
N ALA A 210 36.39 17.16 12.13
CA ALA A 210 37.60 17.18 11.34
C ALA A 210 37.89 18.58 10.82
N ALA A 211 36.88 19.21 10.22
CA ALA A 211 37.00 20.58 9.76
C ALA A 211 37.19 21.51 10.95
N MET A 212 36.45 21.24 12.03
CA MET A 212 36.54 22.02 13.27
C MET A 212 37.97 22.05 13.81
N ARG A 213 38.63 20.90 13.73
CA ARG A 213 40.01 20.79 14.21
C ARG A 213 41.00 21.33 13.18
N ALA A 214 40.72 21.09 11.89
CA ALA A 214 41.57 21.60 10.79
C ALA A 214 41.73 23.11 10.89
N TYR A 215 40.69 23.76 11.40
CA TYR A 215 40.63 25.20 11.58
C TYR A 215 41.52 25.63 12.72
N ASP A 216 41.42 24.91 13.84
CA ASP A 216 42.26 25.14 15.01
C ASP A 216 43.72 24.83 14.71
N ALA A 217 43.93 23.91 13.77
CA ALA A 217 45.27 23.46 13.38
C ALA A 217 46.10 24.54 12.69
N GLY A 218 45.44 25.41 11.91
CA GLY A 218 46.12 26.51 11.24
C GLY A 218 45.84 26.64 9.75
N GLU A 219 45.31 25.57 9.15
CA GLU A 219 44.97 25.58 7.72
C GLU A 219 44.16 26.81 7.35
N ARG A 220 44.31 27.28 6.10
CA ARG A 220 43.58 28.47 5.64
C ARG A 220 42.09 28.23 5.75
N LEU A 221 41.38 29.19 6.33
CA LEU A 221 39.92 29.10 6.40
C LEU A 221 39.44 28.92 4.98
N GLU A 222 39.96 29.73 4.07
CA GLU A 222 39.69 29.59 2.64
C GLU A 222 39.80 28.13 2.20
N ASP A 223 40.88 27.48 2.62
CA ASP A 223 41.09 26.07 2.28
C ASP A 223 40.06 25.15 2.97
N ILE A 224 40.03 25.17 4.30
CA ILE A 224 39.14 24.29 5.08
C ILE A 224 37.72 24.28 4.51
N CYS A 225 37.26 25.45 4.07
CA CYS A 225 35.92 25.60 3.48
C CYS A 225 35.76 24.84 2.16
N TYR A 226 36.76 24.95 1.29
CA TYR A 226 36.73 24.27 -0.01
C TYR A 226 36.57 22.75 0.12
N SER A 227 37.50 22.12 0.84
CA SER A 227 37.49 20.68 1.05
C SER A 227 36.27 20.20 1.84
N LEU A 228 35.81 21.02 2.79
CA LEU A 228 34.63 20.67 3.56
C LEU A 228 33.47 20.36 2.63
N GLN A 229 33.18 21.28 1.71
CA GLN A 229 32.20 21.05 0.65
C GLN A 229 32.62 19.85 -0.19
N GLU A 230 33.84 19.88 -0.68
CA GLU A 230 34.36 18.83 -1.53
C GLU A 230 34.11 17.45 -0.97
N TYR A 231 34.19 17.33 0.35
CA TYR A 231 33.93 16.07 1.03
C TYR A 231 32.43 15.85 1.24
N ALA A 232 31.72 16.92 1.59
CA ALA A 232 30.28 16.87 1.85
C ALA A 232 29.46 16.54 0.62
N PHE A 233 29.73 17.29 -0.46
CA PHE A 233 28.91 17.20 -1.66
C PHE A 233 29.32 16.03 -2.52
N SER A 234 30.60 15.68 -2.49
CA SER A 234 31.09 14.48 -3.17
C SER A 234 30.48 13.22 -2.56
N MET A 235 30.36 13.18 -1.22
CA MET A 235 29.71 12.04 -0.61
C MET A 235 28.19 12.15 -0.75
N LEU A 236 27.68 13.34 -1.05
CA LEU A 236 26.26 13.52 -1.38
C LEU A 236 25.91 13.02 -2.78
N THR A 237 26.68 13.47 -3.76
CA THR A 237 26.44 13.03 -5.12
C THR A 237 26.80 11.58 -5.26
N GLU A 238 27.60 11.06 -4.32
CA GLU A 238 28.00 9.66 -4.40
C GLU A 238 26.82 8.75 -4.11
N ILE A 239 26.07 9.02 -3.04
CA ILE A 239 24.92 8.16 -2.70
C ILE A 239 23.77 8.33 -3.70
N THR A 240 23.66 9.52 -4.27
CA THR A 240 22.67 9.82 -5.30
C THR A 240 22.90 8.97 -6.57
N GLU A 241 24.17 8.80 -6.93
CA GLU A 241 24.53 7.88 -8.01
C GLU A 241 24.07 6.48 -7.64
N ARG A 242 24.32 6.08 -6.38
CA ARG A 242 23.92 4.77 -5.87
C ARG A 242 22.42 4.55 -6.02
N ALA A 243 21.64 5.58 -5.70
CA ALA A 243 20.20 5.50 -5.82
C ALA A 243 19.78 5.48 -7.30
N LEU A 244 20.46 6.30 -8.10
CA LEU A 244 20.17 6.46 -9.54
C LEU A 244 20.04 5.11 -10.26
N ALA A 245 20.77 4.11 -9.78
CA ALA A 245 20.70 2.76 -10.35
C ALA A 245 19.54 1.98 -9.74
N HIS A 246 19.53 1.85 -8.42
CA HIS A 246 18.53 1.03 -7.72
C HIS A 246 17.09 1.42 -8.06
N THR A 247 16.87 2.71 -8.23
CA THR A 247 15.55 3.25 -8.55
C THR A 247 15.37 3.38 -10.06
N ASN A 248 16.49 3.35 -10.77
CA ASN A 248 16.57 3.65 -12.21
C ASN A 248 15.57 4.71 -12.72
N LYS A 249 15.78 5.95 -12.26
CA LYS A 249 14.99 7.09 -12.72
C LYS A 249 15.76 7.81 -13.81
N GLY A 250 15.05 8.58 -14.62
CA GLY A 250 15.67 9.37 -15.68
C GLY A 250 15.94 10.81 -15.27
N GLU A 251 15.61 11.14 -14.02
CA GLU A 251 15.70 12.53 -13.53
C GLU A 251 16.14 12.68 -12.08
N VAL A 252 16.97 13.68 -11.84
CA VAL A 252 17.57 13.93 -10.54
C VAL A 252 17.20 15.32 -10.01
N MET A 253 16.21 15.38 -9.14
CA MET A 253 15.76 16.67 -8.62
C MET A 253 16.44 17.06 -7.30
N LEU A 254 16.59 18.36 -7.08
CA LEU A 254 17.23 18.87 -5.86
C LEU A 254 16.39 19.91 -5.08
N VAL A 255 15.59 19.42 -4.14
CA VAL A 255 14.86 20.29 -3.22
C VAL A 255 15.69 20.55 -1.99
N GLY A 256 15.14 21.36 -1.08
CA GLY A 256 15.75 21.64 0.21
C GLY A 256 16.45 22.99 0.32
N GLY A 257 16.54 23.48 1.55
CA GLY A 257 17.30 24.70 1.84
C GLY A 257 18.61 24.78 1.09
N VAL A 258 19.52 23.84 1.36
CA VAL A 258 20.88 23.93 0.82
C VAL A 258 21.00 23.66 -0.68
N ALA A 259 19.84 23.55 -1.35
CA ALA A 259 19.81 23.37 -2.80
C ALA A 259 20.38 24.60 -3.52
N ALA A 260 20.40 25.71 -2.78
CA ALA A 260 21.03 26.94 -3.23
C ALA A 260 22.46 26.74 -3.70
N ASN A 261 23.19 25.87 -3.00
CA ASN A 261 24.65 25.78 -3.09
C ASN A 261 25.20 25.55 -4.50
N ASN A 262 25.59 26.63 -5.16
CA ASN A 262 26.09 26.60 -6.53
C ASN A 262 27.03 25.42 -6.84
N ARG A 263 27.97 25.16 -5.93
CA ARG A 263 28.91 24.05 -6.09
C ARG A 263 28.22 22.69 -6.10
N LEU A 264 27.32 22.49 -5.13
CA LEU A 264 26.54 21.26 -5.06
C LEU A 264 25.67 21.10 -6.29
N ARG A 265 25.11 22.21 -6.78
CA ARG A 265 24.39 22.22 -8.05
C ARG A 265 25.32 21.81 -9.18
N GLU A 266 26.56 22.30 -9.13
CA GLU A 266 27.53 22.06 -10.18
C GLU A 266 27.87 20.58 -10.30
N MET A 267 28.27 19.96 -9.18
CA MET A 267 28.69 18.55 -9.22
C MET A 267 27.52 17.59 -9.37
N LEU A 268 26.35 17.98 -8.83
CA LEU A 268 25.14 17.20 -8.97
C LEU A 268 24.78 17.07 -10.46
N LYS A 269 24.95 18.16 -11.20
CA LYS A 269 24.73 18.16 -12.64
C LYS A 269 25.76 17.25 -13.26
N ALA A 270 27.03 17.64 -13.12
CA ALA A 270 28.14 16.84 -13.61
C ALA A 270 27.88 15.33 -13.51
N MET A 271 27.39 14.89 -12.34
CA MET A 271 27.18 13.47 -12.08
C MET A 271 26.09 12.90 -12.97
N CYS A 272 24.95 13.56 -13.00
CA CYS A 272 23.82 13.13 -13.83
C CYS A 272 24.16 13.22 -15.33
N GLU A 273 25.20 14.00 -15.64
CA GLU A 273 25.64 14.21 -17.02
C GLU A 273 26.25 12.95 -17.62
N GLY A 274 26.94 12.17 -16.78
CA GLY A 274 27.53 10.91 -17.19
C GLY A 274 26.49 9.91 -17.63
N GLN A 275 25.58 9.58 -16.71
CA GLN A 275 24.51 8.60 -16.98
C GLN A 275 23.35 9.21 -17.77
N ASN A 276 23.61 10.37 -18.38
CA ASN A 276 22.69 11.02 -19.33
C ASN A 276 21.28 11.29 -18.76
N VAL A 277 21.19 11.31 -17.42
CA VAL A 277 19.93 11.56 -16.71
C VAL A 277 19.75 13.05 -16.44
N ASP A 278 18.50 13.49 -16.42
CA ASP A 278 18.21 14.92 -16.28
C ASP A 278 18.27 15.40 -14.83
N PHE A 279 18.46 16.71 -14.66
CA PHE A 279 18.74 17.36 -13.37
C PHE A 279 17.97 18.68 -13.21
N TYR A 280 16.99 18.69 -12.32
CA TYR A 280 16.18 19.88 -12.08
C TYR A 280 16.36 20.44 -10.68
N VAL A 281 16.19 21.75 -10.57
CA VAL A 281 16.14 22.43 -9.28
C VAL A 281 14.98 23.42 -9.26
N PRO A 282 14.02 23.26 -8.32
CA PRO A 282 12.87 24.16 -8.18
C PRO A 282 13.24 25.63 -8.02
N PRO A 283 12.55 26.54 -8.74
CA PRO A 283 12.84 27.98 -8.72
C PRO A 283 12.95 28.50 -7.28
N LYS A 284 13.94 29.36 -7.04
CA LYS A 284 14.38 29.73 -5.69
C LYS A 284 13.37 29.53 -4.55
N GLU A 285 12.26 30.27 -4.60
CA GLU A 285 11.31 30.33 -3.49
C GLU A 285 10.60 29.02 -3.07
N PHE A 286 10.97 27.89 -3.69
CA PHE A 286 10.31 26.60 -3.42
C PHE A 286 11.25 25.47 -3.03
N CYS A 287 12.33 25.84 -2.34
CA CYS A 287 13.26 24.87 -1.78
C CYS A 287 13.26 25.04 -0.27
N GLY A 288 13.23 26.31 0.15
CA GLY A 288 13.01 26.66 1.54
C GLY A 288 11.67 26.10 1.97
N ASP A 289 11.65 25.48 3.14
CA ASP A 289 10.46 24.85 3.68
C ASP A 289 9.38 25.93 3.85
N ASN A 290 8.29 25.79 3.09
CA ASN A 290 7.34 26.90 2.96
C ASN A 290 5.86 26.53 3.05
N GLY A 291 5.02 27.57 3.14
CA GLY A 291 3.58 27.42 3.24
C GLY A 291 2.97 26.72 2.03
N ALA A 292 3.10 27.37 0.88
CA ALA A 292 2.53 26.89 -0.38
C ALA A 292 2.95 25.46 -0.71
N MET A 293 4.18 25.13 -0.35
CA MET A 293 4.72 23.78 -0.46
C MET A 293 3.71 22.75 -0.01
N ILE A 294 3.38 22.76 1.29
CA ILE A 294 2.52 21.73 1.88
C ILE A 294 1.03 21.92 1.49
N ALA A 295 0.69 23.15 1.10
CA ALA A 295 -0.66 23.53 0.69
C ALA A 295 -1.08 22.80 -0.59
N TRP A 296 -0.11 22.63 -1.49
CA TRP A 296 -0.32 21.94 -2.75
C TRP A 296 -0.59 20.46 -2.56
N LEU A 297 0.25 19.79 -1.76
CA LEU A 297 0.14 18.36 -1.48
C LEU A 297 -1.22 17.95 -0.91
N GLY A 298 -1.73 18.73 0.05
CA GLY A 298 -3.03 18.46 0.68
C GLY A 298 -4.19 18.41 -0.30
N LEU A 299 -4.24 19.40 -1.19
CA LEU A 299 -5.26 19.45 -2.23
C LEU A 299 -4.95 18.48 -3.38
N LEU A 300 -3.66 18.17 -3.53
CA LEU A 300 -3.21 17.16 -4.49
C LEU A 300 -3.68 15.80 -4.00
N MET A 301 -3.58 15.59 -2.69
CA MET A 301 -4.07 14.36 -2.07
C MET A 301 -5.60 14.29 -2.13
N HIS A 302 -6.26 15.45 -2.04
CA HIS A 302 -7.71 15.53 -2.20
C HIS A 302 -8.23 15.07 -3.55
N LYS A 303 -7.53 15.44 -4.62
CA LYS A 303 -7.91 15.06 -5.97
C LYS A 303 -7.67 13.58 -6.23
N THR A 313 -6.95 13.95 13.11
CA THR A 313 -5.63 13.31 13.08
C THR A 313 -4.49 14.31 13.32
N LYS A 314 -3.51 13.90 14.13
CA LYS A 314 -2.52 14.83 14.70
C LYS A 314 -1.03 14.46 14.52
N ILE A 315 -0.18 15.09 15.33
CA ILE A 315 1.29 15.09 15.24
C ILE A 315 1.93 13.73 14.96
N ILE A 316 3.09 13.75 14.31
CA ILE A 316 4.00 12.59 14.28
C ILE A 316 5.46 13.03 13.95
N PRO A 317 6.21 13.50 14.98
CA PRO A 317 7.46 14.24 14.80
C PRO A 317 8.42 13.54 13.86
N ASN A 318 8.35 12.21 13.85
CA ASN A 318 9.07 11.39 12.89
C ASN A 318 8.12 10.70 11.93
N TYR A 319 7.64 11.46 10.94
CA TYR A 319 6.79 10.91 9.90
C TYR A 319 7.66 10.12 8.94
N ARG A 320 7.67 8.81 9.12
CA ARG A 320 8.53 7.93 8.34
C ARG A 320 8.00 7.85 6.91
N THR A 321 8.31 8.88 6.12
CA THR A 321 7.88 9.03 4.72
C THR A 321 7.40 7.77 4.01
N ASP A 322 8.14 6.68 4.20
CA ASP A 322 7.86 5.38 3.60
C ASP A 322 6.47 4.86 3.99
N MET A 323 5.77 5.60 4.85
CA MET A 323 4.43 5.21 5.33
C MET A 323 3.33 6.19 4.88
N VAL A 324 3.22 6.36 3.57
CA VAL A 324 2.14 7.17 2.99
C VAL A 324 1.37 6.40 1.91
N GLU A 325 0.12 6.79 1.69
CA GLU A 325 -0.62 6.30 0.54
C GLU A 325 -0.59 7.34 -0.56
N VAL A 326 -0.06 6.96 -1.71
CA VAL A 326 -0.11 7.81 -2.88
C VAL A 326 -1.36 7.51 -3.69
N ASN A 327 -1.88 8.56 -4.32
CA ASN A 327 -2.94 8.43 -5.30
C ASN A 327 -2.74 9.48 -6.37
N TRP A 328 -1.49 9.60 -6.82
CA TRP A 328 -1.15 10.37 -7.99
C TRP A 328 -0.14 9.57 -8.81
N ILE A 329 -0.59 8.39 -9.23
CA ILE A 329 0.22 7.40 -9.92
C ILE A 329 0.24 7.60 -11.45
N GLU A 349 30.37 2.54 -8.13
CA GLU A 349 30.53 2.00 -9.47
C GLU A 349 31.99 1.98 -9.89
N ALA A 350 32.44 0.80 -10.32
CA ALA A 350 33.76 0.58 -10.91
C ALA A 350 33.66 -0.70 -11.72
N ASP A 351 34.14 -0.68 -12.97
CA ASP A 351 33.89 -1.79 -13.90
C ASP A 351 34.89 -2.95 -13.78
N ILE A 352 34.41 -4.16 -14.08
CA ILE A 352 35.23 -5.37 -14.04
C ILE A 352 35.51 -5.95 -15.42
N LYS A 353 36.73 -6.46 -15.58
CA LYS A 353 37.13 -7.15 -16.79
C LYS A 353 37.56 -8.56 -16.42
N ARG A 354 36.99 -9.55 -17.10
CA ARG A 354 37.40 -10.95 -16.93
C ARG A 354 38.63 -11.26 -17.77
N ASP A 355 39.64 -11.82 -17.12
CA ASP A 355 40.92 -12.13 -17.75
C ASP A 355 41.46 -13.41 -17.12
N SER A 356 42.44 -14.03 -17.77
CA SER A 356 43.15 -15.15 -17.19
C SER A 356 44.55 -14.69 -16.81
N TYR A 357 44.94 -14.93 -15.55
CA TYR A 357 46.29 -14.59 -15.12
C TYR A 357 47.25 -15.73 -15.39
N LEU A 358 47.59 -16.49 -14.35
CA LEU A 358 48.63 -17.51 -14.47
C LEU A 358 48.00 -18.78 -15.00
N ASP A 359 47.30 -19.50 -14.12
CA ASP A 359 46.51 -20.64 -14.55
C ASP A 359 45.10 -20.51 -14.00
N PHE A 360 44.66 -19.27 -13.85
CA PHE A 360 43.36 -18.97 -13.27
C PHE A 360 42.62 -17.93 -14.09
N ASP A 361 41.31 -18.15 -14.27
CA ASP A 361 40.43 -17.11 -14.76
C ASP A 361 40.16 -16.14 -13.62
N VAL A 362 40.49 -14.88 -13.85
CA VAL A 362 40.42 -13.84 -12.81
C VAL A 362 39.62 -12.63 -13.29
N ILE A 363 39.39 -11.68 -12.38
CA ILE A 363 38.83 -10.38 -12.76
C ILE A 363 39.76 -9.25 -12.34
N ILE A 364 39.54 -8.07 -12.91
CA ILE A 364 40.32 -6.88 -12.55
C ILE A 364 39.44 -5.64 -12.34
N LYS A 365 39.46 -5.12 -11.11
CA LYS A 365 38.60 -4.00 -10.72
C LYS A 365 39.19 -2.61 -10.99
N GLU A 366 38.87 -2.06 -12.16
CA GLU A 366 39.23 -0.69 -12.49
C GLU A 366 38.28 0.27 -11.78
N ARG A 367 38.79 0.95 -10.76
CA ARG A 367 38.00 1.92 -10.00
C ARG A 367 37.78 3.18 -10.83
N VAL A 368 36.84 3.12 -11.76
CA VAL A 368 36.64 4.22 -12.71
C VAL A 368 36.55 5.56 -11.98
N LYS A 369 37.26 6.55 -12.51
CA LYS A 369 37.27 7.88 -11.92
C LYS A 369 35.99 8.61 -12.23
N LYS A 370 35.50 9.39 -11.27
CA LYS A 370 34.29 10.16 -11.44
C LYS A 370 34.62 11.62 -11.70
N GLY A 371 34.07 12.16 -12.78
CA GLY A 371 34.36 13.52 -13.20
C GLY A 371 33.74 14.58 -12.31
N TYR A 372 32.61 14.24 -11.69
CA TYR A 372 31.86 15.17 -10.86
C TYR A 372 32.63 15.66 -9.63
N ARG A 373 33.55 14.83 -9.15
CA ARG A 373 34.30 15.13 -7.91
C ARG A 373 35.69 15.70 -8.14
N ASP A 374 36.12 16.52 -7.18
CA ASP A 374 37.43 17.18 -7.17
C ASP A 374 38.55 16.25 -7.62
N GLU A 375 39.42 16.74 -8.50
CA GLU A 375 40.48 15.93 -9.12
C GLU A 375 41.45 15.32 -8.11
N ARG A 376 41.74 16.07 -7.04
CA ARG A 376 42.63 15.59 -5.99
C ARG A 376 41.95 14.54 -5.12
N LEU A 377 40.68 14.75 -4.81
CA LEU A 377 39.90 13.80 -4.01
C LEU A 377 39.49 12.57 -4.82
N ASP A 378 39.11 12.78 -6.09
CA ASP A 378 38.64 11.70 -6.98
C ASP A 378 39.55 10.50 -6.93
N GLU A 379 40.80 10.70 -7.34
CA GLU A 379 41.77 9.62 -7.40
C GLU A 379 42.26 9.26 -6.00
N ASN A 380 42.05 10.14 -5.05
CA ASN A 380 42.48 9.92 -3.68
C ASN A 380 41.73 8.80 -2.98
N ILE A 381 40.42 8.69 -3.24
CA ILE A 381 39.62 7.63 -2.59
C ILE A 381 39.78 6.29 -3.31
N ARG A 382 39.80 6.32 -4.64
CA ARG A 382 39.88 5.08 -5.42
C ARG A 382 41.22 4.36 -5.23
N LYS A 383 42.25 5.11 -4.84
CA LYS A 383 43.48 4.51 -4.35
C LYS A 383 43.21 3.96 -2.96
N SER A 384 42.67 4.83 -2.09
CA SER A 384 42.44 4.56 -0.68
C SER A 384 41.58 3.32 -0.43
N ARG A 385 40.58 3.12 -1.30
CA ARG A 385 39.69 1.98 -1.18
C ARG A 385 40.31 0.71 -1.76
N THR A 386 41.09 0.87 -2.84
CA THR A 386 41.80 -0.25 -3.43
C THR A 386 42.83 -0.80 -2.43
N ALA A 387 43.41 0.10 -1.65
CA ALA A 387 44.39 -0.27 -0.64
C ALA A 387 43.76 -0.98 0.55
N ARG A 388 42.44 -1.09 0.55
CA ARG A 388 41.73 -1.76 1.63
C ARG A 388 40.95 -2.97 1.16
N GLU A 389 40.48 -2.90 -0.07
CA GLU A 389 39.89 -4.05 -0.71
C GLU A 389 40.94 -5.15 -0.84
N ALA A 390 42.20 -4.75 -1.06
CA ALA A 390 43.31 -5.69 -1.07
C ALA A 390 43.66 -6.11 0.35
N ARG A 391 43.90 -5.14 1.22
CA ARG A 391 44.37 -5.40 2.58
C ARG A 391 43.40 -6.21 3.42
N TYR A 392 42.12 -6.20 3.05
CA TYR A 392 41.09 -6.86 3.85
C TYR A 392 40.61 -8.19 3.28
N LEU A 393 40.28 -8.22 1.98
CA LEU A 393 39.89 -9.47 1.32
C LEU A 393 40.98 -10.54 1.46
N ALA A 394 42.15 -10.11 1.92
CA ALA A 394 43.28 -10.99 2.17
C ALA A 394 43.37 -11.34 3.65
N LEU A 395 43.37 -10.30 4.49
CA LEU A 395 43.43 -10.44 5.95
C LEU A 395 42.23 -11.22 6.46
N VAL A 396 41.17 -11.24 5.66
CA VAL A 396 39.92 -11.92 6.00
C VAL A 396 40.14 -13.44 6.09
N LYS A 397 41.03 -13.97 5.26
CA LYS A 397 41.35 -15.39 5.27
C LYS A 397 41.97 -15.82 6.60
N ASP A 398 42.68 -14.91 7.26
CA ASP A 398 43.40 -15.20 8.52
C ASP A 398 42.50 -15.69 9.67
N PHE A 399 41.21 -15.42 9.59
CA PHE A 399 40.24 -15.98 10.53
C PHE A 399 39.16 -16.79 9.82
N GLY A 400 39.59 -17.50 8.77
CA GLY A 400 38.78 -18.49 8.08
C GLY A 400 37.47 -17.99 7.54
N ILE A 401 37.54 -17.07 6.56
CA ILE A 401 36.35 -16.60 5.85
C ILE A 401 36.68 -16.32 4.39
N PRO A 402 35.94 -16.99 3.48
CA PRO A 402 36.27 -17.01 2.05
C PRO A 402 36.17 -15.66 1.35
N ALA A 403 37.19 -15.34 0.55
CA ALA A 403 37.22 -14.19 -0.34
C ALA A 403 38.18 -14.52 -1.48
N PRO A 404 38.00 -13.90 -2.66
CA PRO A 404 38.88 -14.21 -3.80
C PRO A 404 40.35 -13.97 -3.50
N TYR A 405 41.22 -14.75 -4.12
CA TYR A 405 42.66 -14.57 -4.00
C TYR A 405 43.02 -13.32 -4.79
N ILE A 406 43.70 -12.38 -4.15
CA ILE A 406 44.22 -11.21 -4.86
C ILE A 406 45.64 -11.48 -5.34
N PHE A 407 45.80 -11.48 -6.67
CA PHE A 407 47.08 -11.80 -7.31
C PHE A 407 47.92 -10.55 -7.61
N ASP A 408 47.27 -9.38 -7.66
CA ASP A 408 47.95 -8.14 -8.02
C ASP A 408 47.23 -6.91 -7.47
N VAL A 409 47.99 -6.00 -6.87
CA VAL A 409 47.48 -4.71 -6.41
C VAL A 409 48.19 -3.61 -7.19
N ASP A 410 47.41 -2.74 -7.82
CA ASP A 410 47.96 -1.69 -8.68
C ASP A 410 47.36 -0.31 -8.38
N LEU A 411 47.82 0.30 -7.30
CA LEU A 411 47.30 1.60 -6.84
C LEU A 411 47.51 2.74 -7.83
N ASP A 412 48.46 2.55 -8.74
CA ASP A 412 48.74 3.54 -9.78
C ASP A 412 47.58 3.65 -10.75
N ASN A 413 46.98 2.50 -11.07
CA ASN A 413 45.83 2.45 -11.97
C ASN A 413 44.53 2.19 -11.22
N LYS A 414 44.66 1.92 -9.93
CA LYS A 414 43.52 1.64 -9.04
C LYS A 414 42.77 0.39 -9.47
N ARG A 415 43.52 -0.55 -10.05
CA ARG A 415 42.98 -1.85 -10.43
C ARG A 415 43.55 -2.96 -9.55
N ILE A 416 42.78 -4.03 -9.40
CA ILE A 416 43.14 -5.12 -8.52
C ILE A 416 42.77 -6.46 -9.14
N MET A 417 43.75 -7.37 -9.23
CA MET A 417 43.50 -8.67 -9.82
C MET A 417 43.12 -9.68 -8.76
N MET A 418 41.88 -10.12 -8.79
CA MET A 418 41.40 -11.19 -7.92
C MET A 418 40.72 -12.29 -8.71
N SER A 419 40.89 -13.53 -8.23
CA SER A 419 40.36 -14.71 -8.90
C SER A 419 38.87 -14.58 -9.20
N TYR A 420 38.49 -14.90 -10.44
CA TYR A 420 37.09 -14.89 -10.82
C TYR A 420 36.36 -16.09 -10.24
N ILE A 421 35.60 -15.83 -9.19
CA ILE A 421 34.66 -16.80 -8.67
C ILE A 421 33.34 -16.58 -9.40
N ASN A 422 32.78 -17.65 -9.95
CA ASN A 422 31.61 -17.58 -10.84
C ASN A 422 30.34 -17.03 -10.15
N GLY A 423 29.95 -15.83 -10.57
CA GLY A 423 28.88 -15.07 -9.91
C GLY A 423 27.54 -15.76 -9.71
N LYS A 424 27.12 -15.83 -8.45
CA LYS A 424 25.77 -16.24 -8.04
C LYS A 424 25.40 -15.51 -6.75
N LEU A 425 25.21 -14.20 -6.86
CA LEU A 425 25.03 -13.30 -5.72
C LEU A 425 24.07 -13.84 -4.67
N ALA A 426 24.49 -13.78 -3.41
CA ALA A 426 23.66 -14.20 -2.27
C ALA A 426 22.28 -13.56 -2.32
N LYS A 427 22.25 -12.31 -2.78
CA LYS A 427 21.01 -11.54 -3.05
C LYS A 427 20.01 -12.33 -3.88
N ASP A 428 20.48 -12.87 -5.01
CA ASP A 428 19.61 -13.53 -5.98
C ASP A 428 19.17 -14.92 -5.52
N VAL A 429 19.99 -15.52 -4.65
CA VAL A 429 19.83 -16.93 -4.28
C VAL A 429 19.23 -17.13 -2.87
N ILE A 430 18.91 -16.04 -2.19
CA ILE A 430 18.47 -16.12 -0.80
C ILE A 430 17.03 -16.61 -0.61
N GLU A 431 16.21 -16.51 -1.66
CA GLU A 431 14.82 -16.97 -1.60
C GLU A 431 14.71 -18.47 -1.42
N ASP A 432 15.06 -19.23 -2.46
CA ASP A 432 14.98 -20.69 -2.44
C ASP A 432 16.00 -21.32 -1.50
N ASN A 433 17.24 -20.82 -1.56
CA ASN A 433 18.27 -21.23 -0.62
C ASN A 433 18.40 -20.23 0.54
N LEU A 434 17.45 -20.35 1.47
CA LEU A 434 17.40 -19.51 2.67
C LEU A 434 18.55 -19.87 3.60
N ASP A 435 19.12 -21.05 3.39
CA ASP A 435 20.23 -21.57 4.18
C ASP A 435 21.48 -20.70 4.08
N ILE A 436 21.55 -19.92 3.01
CA ILE A 436 22.65 -18.99 2.74
C ILE A 436 22.75 -17.85 3.77
N ALA A 437 21.60 -17.42 4.29
CA ALA A 437 21.54 -16.38 5.31
C ALA A 437 22.30 -16.74 6.58
N TYR A 438 22.51 -18.04 6.79
CA TYR A 438 23.21 -18.55 7.97
C TYR A 438 24.70 -18.17 7.98
N LYS A 439 25.42 -18.49 6.92
CA LYS A 439 26.86 -18.27 6.86
C LYS A 439 27.23 -16.79 6.75
N ILE A 440 26.38 -16.00 6.12
CA ILE A 440 26.58 -14.54 6.03
C ILE A 440 26.59 -13.94 7.44
N GLY A 441 25.67 -14.41 8.28
CA GLY A 441 25.66 -14.05 9.69
C GLY A 441 26.92 -14.53 10.38
N GLU A 442 27.31 -15.78 10.08
CA GLU A 442 28.51 -16.39 10.64
C GLU A 442 29.77 -15.56 10.36
N ILE A 443 30.03 -15.31 9.08
CA ILE A 443 31.30 -14.70 8.66
C ILE A 443 31.44 -13.23 9.07
N VAL A 444 30.31 -12.59 9.36
CA VAL A 444 30.30 -11.24 9.94
C VAL A 444 30.76 -11.30 11.39
N GLY A 445 30.35 -12.35 12.10
CA GLY A 445 30.74 -12.58 13.49
C GLY A 445 32.23 -12.84 13.67
N LYS A 446 32.87 -13.37 12.64
CA LYS A 446 34.32 -13.54 12.62
C LYS A 446 34.96 -12.16 12.67
N LEU A 447 34.49 -11.29 11.79
CA LEU A 447 35.01 -9.93 11.64
C LEU A 447 34.88 -9.11 12.92
N HIS A 448 33.72 -9.20 13.55
CA HIS A 448 33.42 -8.46 14.78
C HIS A 448 34.20 -8.96 15.98
N LYS A 449 34.62 -10.23 15.91
CA LYS A 449 35.51 -10.81 16.90
C LYS A 449 36.91 -10.22 16.77
N ASN A 450 37.33 -9.97 15.52
CA ASN A 450 38.68 -9.49 15.23
C ASN A 450 38.83 -7.98 15.07
N ASP A 451 37.76 -7.23 15.35
CA ASP A 451 37.72 -5.76 15.22
C ASP A 451 37.76 -5.26 13.78
N VAL A 452 37.55 -6.17 12.83
CA VAL A 452 37.51 -5.81 11.42
C VAL A 452 36.08 -5.45 11.06
N ILE A 453 35.86 -4.20 10.67
CA ILE A 453 34.51 -3.76 10.38
C ILE A 453 34.31 -3.25 8.94
N HIS A 454 33.65 -4.09 8.14
CA HIS A 454 33.15 -3.71 6.84
C HIS A 454 32.16 -2.60 7.08
N ASN A 455 31.93 -1.75 6.09
CA ASN A 455 30.94 -0.69 6.24
C ASN A 455 29.86 -0.68 5.17
N ASP A 456 29.90 -1.68 4.29
CA ASP A 456 28.98 -1.77 3.18
C ASP A 456 28.50 -3.21 3.05
N LEU A 457 27.83 -3.70 4.09
CA LEU A 457 27.31 -5.06 4.09
C LEU A 457 25.99 -5.15 3.34
N THR A 458 26.02 -5.86 2.21
CA THR A 458 24.81 -6.13 1.41
C THR A 458 24.84 -7.55 0.83
N THR A 459 23.66 -8.07 0.51
CA THR A 459 23.52 -9.42 -0.04
C THR A 459 24.14 -9.57 -1.45
N SER A 460 24.41 -8.44 -2.10
CA SER A 460 25.07 -8.44 -3.41
C SER A 460 26.59 -8.35 -3.26
N ASN A 461 27.06 -8.29 -2.02
CA ASN A 461 28.49 -8.33 -1.71
C ASN A 461 29.04 -9.76 -1.59
N PHE A 462 28.15 -10.74 -1.63
CA PHE A 462 28.51 -12.15 -1.50
C PHE A 462 28.07 -12.92 -2.74
N ILE A 463 28.79 -13.99 -3.07
CA ILE A 463 28.39 -14.91 -4.14
C ILE A 463 28.39 -16.36 -3.65
N PHE A 464 28.07 -17.28 -4.56
CA PHE A 464 28.03 -18.71 -4.24
C PHE A 464 28.65 -19.59 -5.33
N ASP A 465 29.80 -20.19 -5.02
CA ASP A 465 30.33 -21.32 -5.78
C ASP A 465 30.17 -22.59 -4.94
N LYS A 466 30.65 -22.52 -3.70
CA LYS A 466 30.42 -23.55 -2.70
C LYS A 466 30.22 -22.93 -1.31
N ASP A 467 31.05 -21.94 -0.99
CA ASP A 467 30.94 -21.18 0.25
C ASP A 467 30.38 -19.79 -0.04
N LEU A 468 30.50 -18.88 0.92
CA LEU A 468 30.06 -17.50 0.72
C LEU A 468 31.23 -16.51 0.72
N TYR A 469 31.84 -16.38 -0.45
CA TYR A 469 32.93 -15.45 -0.67
C TYR A 469 32.40 -14.01 -0.74
N ILE A 470 33.00 -13.10 0.04
CA ILE A 470 32.71 -11.67 -0.09
C ILE A 470 33.56 -11.17 -1.24
N ILE A 471 32.91 -10.66 -2.29
CA ILE A 471 33.63 -10.16 -3.45
C ILE A 471 33.86 -8.64 -3.40
N ASP A 472 33.74 -8.09 -2.20
CA ASP A 472 33.93 -6.64 -1.96
C ASP A 472 34.32 -6.34 -0.50
N PHE A 473 35.23 -5.38 -0.33
CA PHE A 473 35.60 -4.88 1.00
C PHE A 473 36.12 -3.43 0.95
N GLY A 474 36.10 -2.83 -0.24
CA GLY A 474 36.59 -1.47 -0.48
C GLY A 474 36.73 -0.48 0.67
N LEU A 475 35.66 -0.29 1.42
CA LEU A 475 35.67 0.60 2.58
C LEU A 475 35.35 -0.18 3.83
N GLY A 476 36.20 -0.02 4.85
CA GLY A 476 36.01 -0.72 6.10
C GLY A 476 37.30 -1.01 6.82
N LYS A 477 37.77 -0.02 7.58
CA LYS A 477 39.00 -0.13 8.36
C LYS A 477 38.74 -0.90 9.66
N ILE A 478 39.75 -0.99 10.52
CA ILE A 478 39.63 -1.73 11.79
C ILE A 478 39.36 -0.80 12.97
N SER A 479 38.37 -1.16 13.79
CA SER A 479 37.96 -0.33 14.93
C SER A 479 37.58 -1.16 16.17
N ASN A 480 38.22 -0.85 17.29
CA ASN A 480 37.95 -1.51 18.57
C ASN A 480 36.59 -1.14 19.15
N LEU A 481 36.10 0.04 18.76
CA LEU A 481 34.89 0.66 19.34
C LEU A 481 33.61 -0.18 19.19
N ASP A 482 32.88 -0.27 20.29
CA ASP A 482 31.70 -1.12 20.38
C ASP A 482 30.52 -0.59 19.56
N GLU A 483 30.39 0.73 19.49
CA GLU A 483 29.34 1.39 18.71
C GLU A 483 29.46 1.11 17.21
N ASP A 484 30.70 1.04 16.74
CA ASP A 484 31.02 0.68 15.36
C ASP A 484 30.34 -0.61 14.94
N LYS A 485 30.62 -1.67 15.69
CA LYS A 485 30.09 -3.01 15.46
C LYS A 485 28.56 -2.97 15.32
N ALA A 486 27.90 -2.26 16.23
CA ALA A 486 26.45 -2.12 16.23
C ALA A 486 25.92 -1.39 14.99
N VAL A 487 26.65 -0.36 14.56
CA VAL A 487 26.29 0.44 13.39
C VAL A 487 26.32 -0.41 12.11
N ASP A 488 27.34 -1.25 11.97
CA ASP A 488 27.49 -2.11 10.80
C ASP A 488 26.34 -3.13 10.69
N LEU A 489 25.86 -3.60 11.84
CA LEU A 489 24.75 -4.54 11.87
C LEU A 489 23.50 -3.92 11.24
N ILE A 490 23.06 -2.79 11.78
CA ILE A 490 21.88 -2.08 11.26
C ILE A 490 22.03 -1.64 9.81
N VAL A 491 23.27 -1.47 9.36
CA VAL A 491 23.56 -1.16 7.97
C VAL A 491 23.09 -2.30 7.05
N PHE A 492 23.36 -3.54 7.46
CA PHE A 492 22.88 -4.70 6.71
C PHE A 492 21.39 -4.96 6.91
N LYS A 493 20.89 -4.72 8.12
CA LYS A 493 19.47 -4.85 8.43
C LYS A 493 18.65 -3.97 7.51
N LYS A 494 19.06 -2.70 7.41
CA LYS A 494 18.46 -1.73 6.51
C LYS A 494 18.60 -2.18 5.05
N ALA A 495 19.73 -2.80 4.73
CA ALA A 495 19.97 -3.32 3.37
C ALA A 495 18.99 -4.43 2.99
N VAL A 496 18.68 -5.31 3.94
CA VAL A 496 17.73 -6.39 3.70
C VAL A 496 16.31 -5.83 3.67
N LEU A 497 16.03 -4.91 4.57
CA LEU A 497 14.74 -4.20 4.57
C LEU A 497 14.53 -3.40 3.28
N SER A 498 15.64 -2.95 2.70
CA SER A 498 15.63 -2.18 1.45
C SER A 498 15.22 -3.02 0.25
N THR A 499 15.98 -4.07 -0.04
CA THR A 499 15.80 -4.86 -1.26
C THR A 499 15.05 -6.18 -1.06
N HIS A 500 14.97 -6.65 0.19
CA HIS A 500 14.31 -7.91 0.50
C HIS A 500 13.25 -7.79 1.61
N HIS A 501 12.38 -6.79 1.48
CA HIS A 501 11.25 -6.59 2.41
C HIS A 501 10.19 -7.67 2.22
N GLU A 502 10.16 -8.28 1.04
CA GLU A 502 9.18 -9.31 0.68
C GLU A 502 9.31 -10.56 1.55
N LYS A 503 10.54 -10.90 1.93
CA LYS A 503 10.82 -12.07 2.77
C LYS A 503 11.92 -11.77 3.80
N PHE A 504 11.83 -10.61 4.42
CA PHE A 504 12.77 -10.15 5.44
C PHE A 504 12.62 -10.93 6.75
N ASP A 505 11.39 -10.98 7.25
CA ASP A 505 11.10 -11.61 8.52
C ASP A 505 11.55 -13.07 8.53
N GLU A 506 12.08 -13.49 9.68
CA GLU A 506 12.59 -14.85 9.89
C GLU A 506 13.85 -15.13 9.04
N ILE A 507 14.49 -14.07 8.56
CA ILE A 507 15.79 -14.18 7.86
C ILE A 507 16.86 -13.21 8.39
N TRP A 508 16.43 -12.18 9.11
CA TRP A 508 17.31 -11.39 9.96
C TRP A 508 17.62 -12.21 11.22
N GLU A 509 16.72 -13.15 11.51
CA GLU A 509 16.91 -14.18 12.52
C GLU A 509 17.90 -15.23 12.02
N ARG A 510 17.73 -15.66 10.77
CA ARG A 510 18.63 -16.62 10.13
C ARG A 510 20.05 -16.06 9.95
N PHE A 511 20.14 -14.73 9.91
CA PHE A 511 21.41 -14.02 9.97
C PHE A 511 22.04 -14.26 11.34
N LEU A 512 21.29 -13.89 12.38
CA LEU A 512 21.72 -14.04 13.78
C LEU A 512 22.05 -15.49 14.11
N GLU A 513 21.30 -16.42 13.52
CA GLU A 513 21.53 -17.84 13.68
C GLU A 513 23.01 -18.16 13.47
N GLY A 514 23.62 -17.49 12.50
CA GLY A 514 25.05 -17.61 12.27
C GLY A 514 25.87 -16.65 13.12
N TYR A 515 25.34 -15.45 13.33
CA TYR A 515 26.07 -14.39 14.05
C TYR A 515 26.17 -14.68 15.56
N LYS A 516 25.09 -15.19 16.14
CA LYS A 516 25.09 -15.65 17.51
C LYS A 516 26.12 -16.78 17.68
N SER A 517 26.17 -17.66 16.68
CA SER A 517 27.08 -18.81 16.68
C SER A 517 28.53 -18.41 16.88
N VAL A 518 28.98 -17.43 16.09
CA VAL A 518 30.39 -17.10 16.04
C VAL A 518 30.81 -16.13 17.16
N TYR A 519 30.36 -14.88 17.08
CA TYR A 519 30.79 -13.86 18.02
C TYR A 519 30.10 -14.00 19.38
N ASP A 520 30.91 -14.03 20.44
CA ASP A 520 30.41 -14.19 21.81
C ASP A 520 29.77 -12.92 22.38
N ARG A 521 30.42 -11.77 22.18
CA ARG A 521 29.88 -10.50 22.64
C ARG A 521 28.78 -10.02 21.71
N TRP A 522 27.89 -10.94 21.31
CA TRP A 522 26.83 -10.64 20.35
C TRP A 522 25.64 -9.92 20.99
N GLU A 523 25.25 -10.32 22.20
CA GLU A 523 24.21 -9.62 22.96
C GLU A 523 24.71 -8.29 23.51
N ILE A 524 26.03 -8.11 23.48
CA ILE A 524 26.68 -6.90 23.97
C ILE A 524 26.46 -5.74 23.00
N ILE A 525 26.74 -5.95 21.71
CA ILE A 525 26.54 -4.88 20.71
C ILE A 525 25.11 -4.76 20.18
N LEU A 526 24.32 -5.83 20.29
CA LEU A 526 22.93 -5.80 19.85
C LEU A 526 22.04 -5.06 20.85
N GLU A 527 22.45 -5.08 22.12
CA GLU A 527 21.78 -4.29 23.15
C GLU A 527 22.11 -2.81 22.98
N LEU A 528 23.35 -2.53 22.59
CA LEU A 528 23.78 -1.17 22.26
C LEU A 528 23.23 -0.74 20.90
N MET A 529 22.84 -1.71 20.07
CA MET A 529 22.20 -1.43 18.78
C MET A 529 20.85 -0.77 18.99
N LYS A 530 20.17 -1.15 20.09
CA LYS A 530 18.93 -0.51 20.51
C LYS A 530 19.14 0.95 20.91
N ASP A 531 20.26 1.22 21.59
CA ASP A 531 20.61 2.57 22.04
C ASP A 531 20.87 3.53 20.89
N VAL A 532 21.51 3.04 19.83
CA VAL A 532 21.81 3.86 18.66
C VAL A 532 20.65 3.94 17.68
N GLU A 533 19.73 2.97 17.75
CA GLU A 533 18.51 3.00 16.94
C GLU A 533 17.53 4.02 17.46
N ARG A 534 17.52 4.22 18.77
CA ARG A 534 16.69 5.25 19.41
C ARG A 534 17.29 6.64 19.16
N ARG A 535 17.78 6.85 17.95
CA ARG A 535 18.29 8.14 17.51
C ARG A 535 17.25 8.81 16.60
N ALA A 536 16.00 8.36 16.72
CA ALA A 536 14.90 8.89 15.94
C ALA A 536 14.63 10.34 16.33
N ARG A 537 13.67 10.97 15.65
CA ARG A 537 13.26 12.32 16.01
C ARG A 537 12.56 12.29 17.36
N TYR A 538 12.64 13.42 18.07
CA TYR A 538 12.48 13.48 19.53
C TYR A 538 11.06 13.22 20.08
N VAL A 539 10.54 12.01 19.83
CA VAL A 539 9.17 11.58 20.17
C VAL A 539 8.33 12.60 20.95
N MET B 6 -14.83 1.57 41.70
CA MET B 6 -13.81 0.52 41.93
C MET B 6 -13.72 -0.46 40.76
N ILE B 7 -12.59 -1.15 40.66
CA ILE B 7 -12.22 -1.99 39.51
C ILE B 7 -12.97 -3.34 39.45
N CYS B 8 -13.09 -3.90 38.24
CA CYS B 8 -14.00 -5.03 37.98
C CYS B 8 -13.45 -6.13 37.06
N LEU B 9 -13.78 -7.37 37.42
CA LEU B 9 -13.43 -8.54 36.61
C LEU B 9 -14.64 -9.02 35.82
N GLY B 10 -14.41 -9.43 34.58
CA GLY B 10 -15.45 -9.94 33.69
C GLY B 10 -15.16 -11.32 33.14
N LEU B 11 -16.23 -12.09 32.91
CA LEU B 11 -16.12 -13.44 32.38
C LEU B 11 -16.82 -13.57 31.03
N GLU B 12 -16.07 -14.06 30.03
CA GLU B 12 -16.56 -14.23 28.68
C GLU B 12 -16.67 -15.70 28.31
N GLY B 13 -17.87 -16.13 27.93
CA GLY B 13 -18.10 -17.50 27.51
C GLY B 13 -19.39 -17.72 26.73
N THR B 14 -19.63 -16.88 25.71
CA THR B 14 -20.83 -17.00 24.89
C THR B 14 -20.69 -18.10 23.82
N ALA B 15 -19.50 -18.24 23.25
CA ALA B 15 -19.29 -19.17 22.12
C ALA B 15 -18.16 -20.18 22.33
N GLU B 16 -17.01 -19.91 21.70
CA GLU B 16 -15.88 -20.86 21.65
C GLU B 16 -14.66 -20.39 22.46
N LYS B 17 -14.52 -19.07 22.60
CA LYS B 17 -13.42 -18.49 23.36
C LYS B 17 -13.82 -18.36 24.82
N THR B 18 -12.95 -18.80 25.71
CA THR B 18 -13.16 -18.64 27.14
C THR B 18 -12.30 -17.48 27.63
N GLY B 19 -12.95 -16.36 27.98
CA GLY B 19 -12.24 -15.13 28.30
C GLY B 19 -12.38 -14.64 29.73
N VAL B 20 -11.25 -14.57 30.42
CA VAL B 20 -11.19 -13.92 31.73
C VAL B 20 -10.47 -12.58 31.55
N GLY B 21 -10.98 -11.54 32.21
CA GLY B 21 -10.42 -10.21 32.08
C GLY B 21 -10.87 -9.25 33.15
N ILE B 22 -9.94 -8.44 33.64
CA ILE B 22 -10.21 -7.48 34.71
C ILE B 22 -9.70 -6.10 34.33
N VAL B 23 -10.61 -5.12 34.33
CA VAL B 23 -10.26 -3.74 33.96
C VAL B 23 -10.55 -2.74 35.07
N THR B 24 -9.88 -1.59 34.98
CA THR B 24 -10.05 -0.49 35.92
C THR B 24 -11.28 0.35 35.59
N SER B 25 -11.76 1.07 36.59
CA SER B 25 -12.83 2.04 36.40
C SER B 25 -12.39 3.23 35.54
N ASP B 26 -11.08 3.42 35.42
CA ASP B 26 -10.50 4.48 34.59
C ASP B 26 -10.43 4.09 33.11
N GLY B 27 -9.97 2.87 32.84
CA GLY B 27 -9.91 2.34 31.47
C GLY B 27 -8.64 1.59 31.08
N GLU B 28 -8.01 0.92 32.06
CA GLU B 28 -6.83 0.10 31.78
C GLU B 28 -7.05 -1.36 32.13
N VAL B 29 -6.70 -2.22 31.18
CA VAL B 29 -6.84 -3.67 31.34
C VAL B 29 -5.73 -4.23 32.22
N LEU B 30 -6.11 -4.96 33.27
CA LEU B 30 -5.14 -5.60 34.15
C LEU B 30 -4.83 -7.01 33.68
N PHE B 31 -5.85 -7.84 33.53
CA PHE B 31 -5.68 -9.18 32.97
C PHE B 31 -6.60 -9.36 31.77
N ASN B 32 -6.06 -10.02 30.74
CA ASN B 32 -6.81 -10.31 29.52
C ASN B 32 -6.23 -11.52 28.79
N LYS B 33 -6.69 -12.71 29.16
CA LYS B 33 -6.32 -13.94 28.46
C LYS B 33 -7.54 -14.77 28.09
N THR B 34 -7.43 -15.47 26.95
CA THR B 34 -8.55 -16.17 26.35
C THR B 34 -8.10 -17.46 25.67
N ILE B 35 -8.62 -18.60 26.12
CA ILE B 35 -8.26 -19.90 25.55
C ILE B 35 -9.36 -20.44 24.61
N MET B 36 -8.95 -21.00 23.48
CA MET B 36 -9.85 -21.41 22.41
C MET B 36 -10.09 -22.92 22.41
N GLU B 48 -20.77 -29.12 20.30
CA GLU B 48 -21.05 -28.64 21.64
C GLU B 48 -19.90 -28.94 22.64
N ALA B 49 -19.28 -27.88 23.16
CA ALA B 49 -18.18 -28.01 24.13
C ALA B 49 -18.27 -26.95 25.21
N ALA B 50 -19.23 -27.13 26.12
CA ALA B 50 -19.36 -26.28 27.30
C ALA B 50 -18.34 -26.71 28.36
N ASP B 51 -17.92 -27.97 28.29
CA ASP B 51 -16.85 -28.48 29.14
C ASP B 51 -15.59 -27.64 28.99
N HIS B 52 -15.35 -27.17 27.77
CA HIS B 52 -14.22 -26.29 27.51
C HIS B 52 -14.28 -25.04 28.39
N HIS B 53 -15.46 -24.44 28.50
CA HIS B 53 -15.67 -23.33 29.42
C HIS B 53 -15.60 -23.78 30.88
N ALA B 54 -16.14 -24.95 31.16
CA ALA B 54 -16.18 -25.50 32.51
C ALA B 54 -14.83 -26.00 33.01
N GLU B 55 -13.82 -25.98 32.14
CA GLU B 55 -12.47 -26.41 32.52
C GLU B 55 -11.42 -25.33 32.34
N THR B 56 -11.66 -24.44 31.37
CA THR B 56 -10.74 -23.34 31.10
C THR B 56 -10.86 -22.23 32.12
N PHE B 57 -12.10 -21.92 32.51
CA PHE B 57 -12.38 -20.83 33.46
C PHE B 57 -11.56 -20.90 34.76
N PRO B 58 -11.51 -22.08 35.43
CA PRO B 58 -10.69 -22.19 36.64
C PRO B 58 -9.21 -21.90 36.41
N LYS B 59 -8.66 -22.37 35.29
CA LYS B 59 -7.26 -22.15 34.95
C LYS B 59 -6.98 -20.66 34.75
N LEU B 60 -7.76 -20.03 33.88
CA LEU B 60 -7.61 -18.61 33.56
C LEU B 60 -7.91 -17.69 34.74
N ILE B 61 -8.89 -18.07 35.54
CA ILE B 61 -9.25 -17.28 36.71
C ILE B 61 -8.21 -17.44 37.82
N LYS B 62 -7.40 -18.50 37.74
CA LYS B 62 -6.26 -18.67 38.63
C LYS B 62 -5.16 -17.71 38.22
N GLU B 63 -4.81 -17.75 36.93
CA GLU B 63 -3.78 -16.88 36.36
C GLU B 63 -4.14 -15.40 36.50
N ALA B 64 -5.42 -15.12 36.64
CA ALA B 64 -5.92 -13.77 36.90
C ALA B 64 -5.61 -13.34 38.33
N PHE B 65 -5.90 -14.21 39.30
CA PHE B 65 -5.65 -13.91 40.71
C PHE B 65 -4.17 -14.00 41.08
N GLU B 66 -3.36 -14.44 40.13
CA GLU B 66 -1.90 -14.41 40.26
C GLU B 66 -1.32 -13.14 39.63
N VAL B 67 -2.21 -12.22 39.24
CA VAL B 67 -1.79 -10.96 38.65
C VAL B 67 -2.44 -9.78 39.37
N VAL B 68 -3.58 -10.03 39.99
CA VAL B 68 -4.29 -9.01 40.76
C VAL B 68 -4.94 -9.63 42.01
N ASP B 69 -4.74 -8.99 43.15
CA ASP B 69 -5.29 -9.45 44.42
C ASP B 69 -6.82 -9.47 44.39
N LYS B 70 -7.38 -10.56 44.91
CA LYS B 70 -8.83 -10.84 44.84
C LYS B 70 -9.66 -9.82 45.64
N ASN B 71 -9.14 -9.44 46.79
CA ASN B 71 -9.83 -8.55 47.72
C ASN B 71 -10.16 -7.19 47.11
N GLU B 72 -9.27 -6.71 46.24
CA GLU B 72 -9.35 -5.35 45.69
C GLU B 72 -10.27 -5.22 44.47
N ILE B 73 -10.86 -6.34 44.04
CA ILE B 73 -11.83 -6.30 42.93
C ILE B 73 -13.25 -6.23 43.51
N ASP B 74 -14.09 -5.40 42.89
CA ASP B 74 -15.41 -5.06 43.46
C ASP B 74 -16.62 -5.53 42.67
N LEU B 75 -16.41 -6.03 41.46
CA LEU B 75 -17.54 -6.34 40.59
C LEU B 75 -17.33 -7.55 39.69
N ILE B 76 -18.37 -8.40 39.60
CA ILE B 76 -18.35 -9.57 38.72
C ILE B 76 -19.27 -9.38 37.52
N ALA B 77 -18.68 -9.36 36.34
CA ALA B 77 -19.44 -9.25 35.10
C ALA B 77 -19.35 -10.55 34.32
N PHE B 78 -20.43 -10.88 33.63
CA PHE B 78 -20.48 -12.10 32.82
C PHE B 78 -21.37 -11.87 31.60
N SER B 79 -20.86 -12.24 30.43
CA SER B 79 -21.59 -12.10 29.19
C SER B 79 -22.81 -13.03 29.17
N GLN B 80 -23.94 -12.50 29.62
CA GLN B 80 -25.21 -13.22 29.59
C GLN B 80 -25.93 -12.96 28.27
N GLY B 81 -25.34 -12.09 27.44
CA GLY B 81 -25.92 -11.67 26.16
C GLY B 81 -25.88 -12.76 25.11
N PRO B 82 -26.15 -12.39 23.84
CA PRO B 82 -26.32 -13.35 22.75
C PRO B 82 -25.25 -14.45 22.76
N GLY B 83 -25.70 -15.69 22.75
CA GLY B 83 -24.81 -16.85 22.76
C GLY B 83 -25.50 -18.19 22.92
N LEU B 84 -24.69 -19.24 22.97
CA LEU B 84 -25.15 -20.62 23.12
C LEU B 84 -25.70 -20.85 24.52
N GLY B 85 -26.65 -21.78 24.64
CA GLY B 85 -27.32 -22.09 25.91
C GLY B 85 -26.43 -22.62 27.02
N PRO B 86 -25.75 -23.77 26.79
CA PRO B 86 -24.90 -24.38 27.82
C PRO B 86 -23.64 -23.57 28.12
N SER B 87 -23.07 -22.95 27.09
CA SER B 87 -21.88 -22.10 27.22
C SER B 87 -22.13 -20.93 28.17
N LEU B 88 -23.31 -20.32 28.05
CA LEU B 88 -23.71 -19.20 28.88
C LEU B 88 -23.88 -19.59 30.35
N ARG B 89 -24.63 -20.66 30.60
CA ARG B 89 -24.93 -21.06 31.99
C ARG B 89 -23.72 -21.54 32.78
N VAL B 90 -22.65 -21.91 32.07
CA VAL B 90 -21.37 -22.26 32.70
C VAL B 90 -20.68 -20.97 33.19
N THR B 91 -20.67 -19.96 32.32
CA THR B 91 -20.14 -18.65 32.67
C THR B 91 -20.97 -18.03 33.80
N ALA B 92 -22.28 -18.25 33.74
CA ALA B 92 -23.21 -17.80 34.80
C ALA B 92 -22.96 -18.50 36.13
N THR B 93 -22.50 -19.75 36.07
CA THR B 93 -22.18 -20.52 37.27
C THR B 93 -20.92 -19.95 37.92
N VAL B 94 -19.87 -19.78 37.13
CA VAL B 94 -18.62 -19.22 37.63
C VAL B 94 -18.83 -17.79 38.15
N ALA B 95 -19.72 -17.04 37.50
CA ALA B 95 -20.03 -15.67 37.88
C ALA B 95 -20.77 -15.60 39.21
N ARG B 96 -21.79 -16.45 39.36
CA ARG B 96 -22.58 -16.47 40.58
C ARG B 96 -21.77 -16.95 41.78
N THR B 97 -20.76 -17.79 41.53
CA THR B 97 -19.89 -18.27 42.59
C THR B 97 -18.98 -17.14 43.06
N LEU B 98 -18.26 -16.54 42.10
CA LEU B 98 -17.39 -15.39 42.36
C LEU B 98 -18.03 -14.27 43.16
N SER B 99 -19.27 -13.92 42.81
CA SER B 99 -19.97 -12.78 43.41
C SER B 99 -20.29 -12.95 44.90
N LEU B 100 -20.57 -14.18 45.32
CA LEU B 100 -20.90 -14.42 46.73
C LEU B 100 -19.68 -14.87 47.54
N THR B 101 -18.74 -15.55 46.88
CA THR B 101 -17.48 -15.94 47.54
C THR B 101 -16.51 -14.78 47.64
N LEU B 102 -16.85 -13.67 46.99
CA LEU B 102 -16.13 -12.40 47.13
C LEU B 102 -17.02 -11.35 47.82
N LYS B 103 -18.31 -11.67 47.94
CA LYS B 103 -19.35 -10.75 48.44
C LYS B 103 -19.41 -9.44 47.64
N LYS B 104 -19.13 -9.55 46.35
CA LYS B 104 -19.16 -8.41 45.42
C LYS B 104 -20.30 -8.56 44.42
N PRO B 105 -20.95 -7.45 44.03
CA PRO B 105 -22.07 -7.48 43.09
C PRO B 105 -21.79 -8.19 41.76
N ILE B 106 -22.83 -8.84 41.21
CA ILE B 106 -22.83 -9.40 39.86
C ILE B 106 -23.58 -8.50 38.88
N ILE B 107 -23.05 -8.43 37.66
CA ILE B 107 -23.67 -7.62 36.60
C ILE B 107 -23.72 -8.37 35.25
N GLY B 108 -24.94 -8.71 34.83
CA GLY B 108 -25.17 -9.39 33.57
C GLY B 108 -25.08 -8.42 32.41
N VAL B 109 -24.11 -8.65 31.53
CA VAL B 109 -23.83 -7.73 30.43
C VAL B 109 -24.19 -8.33 29.08
N ASN B 110 -24.56 -7.46 28.14
CA ASN B 110 -24.86 -7.85 26.77
C ASN B 110 -23.56 -8.01 25.97
N HIS B 111 -23.40 -9.15 25.33
CA HIS B 111 -22.16 -9.49 24.63
C HIS B 111 -21.84 -8.58 23.44
N CYS B 112 -22.84 -8.29 22.62
CA CYS B 112 -22.66 -7.46 21.43
C CYS B 112 -22.17 -6.05 21.79
N ILE B 113 -22.92 -5.38 22.67
CA ILE B 113 -22.62 -4.01 23.11
C ILE B 113 -21.23 -3.92 23.77
N ALA B 114 -20.84 -5.00 24.46
CA ALA B 114 -19.51 -5.11 25.07
C ALA B 114 -18.39 -4.94 24.04
N HIS B 115 -18.62 -5.44 22.83
CA HIS B 115 -17.69 -5.26 21.71
C HIS B 115 -17.60 -3.79 21.27
N ILE B 116 -18.74 -3.10 21.26
CA ILE B 116 -18.80 -1.70 20.87
C ILE B 116 -18.07 -0.79 21.86
N GLU B 117 -18.21 -1.09 23.15
CA GLU B 117 -17.68 -0.22 24.21
C GLU B 117 -16.15 -0.20 24.33
N ILE B 118 -15.52 -1.38 24.28
CA ILE B 118 -14.06 -1.46 24.24
C ILE B 118 -13.49 -1.14 22.86
N GLY B 119 -14.40 -0.89 21.90
CA GLY B 119 -14.03 -0.28 20.63
C GLY B 119 -13.81 1.19 20.90
N LYS B 120 -14.83 1.84 21.47
CA LYS B 120 -14.75 3.24 21.90
C LYS B 120 -13.62 3.51 22.90
N LEU B 121 -13.40 2.55 23.79
CA LEU B 121 -12.41 2.68 24.86
C LEU B 121 -10.97 2.58 24.35
N THR B 122 -10.78 1.90 23.21
CA THR B 122 -9.44 1.73 22.64
C THR B 122 -9.20 2.65 21.44
N THR B 123 -10.17 2.71 20.53
CA THR B 123 -10.08 3.61 19.37
C THR B 123 -10.48 5.02 19.78
N GLU B 124 -10.04 6.01 19.01
CA GLU B 124 -10.48 7.38 19.25
C GLU B 124 -11.87 7.63 18.66
N ALA B 125 -12.74 6.64 18.83
CA ALA B 125 -14.15 6.73 18.42
C ALA B 125 -15.02 7.13 19.61
N GLU B 126 -16.18 7.72 19.33
CA GLU B 126 -17.08 8.17 20.39
C GLU B 126 -18.55 7.80 20.19
N ASP B 127 -19.05 7.92 18.96
CA ASP B 127 -20.41 7.49 18.63
C ASP B 127 -20.46 6.84 17.24
N PRO B 128 -19.98 5.58 17.15
CA PRO B 128 -19.82 4.98 15.83
C PRO B 128 -20.94 4.01 15.40
N LEU B 129 -21.20 4.00 14.10
CA LEU B 129 -21.98 2.95 13.47
C LEU B 129 -21.05 1.75 13.34
N THR B 130 -21.31 0.72 14.14
CA THR B 130 -20.38 -0.40 14.22
C THR B 130 -20.86 -1.60 13.43
N LEU B 131 -19.98 -2.14 12.57
CA LEU B 131 -20.23 -3.42 11.92
C LEU B 131 -19.60 -4.51 12.76
N TYR B 132 -20.44 -5.21 13.53
CA TYR B 132 -19.97 -6.31 14.35
C TYR B 132 -19.99 -7.62 13.56
N VAL B 133 -18.83 -7.93 12.96
CA VAL B 133 -18.67 -9.17 12.20
C VAL B 133 -17.74 -10.13 12.93
N SER B 134 -18.33 -11.20 13.47
CA SER B 134 -17.54 -12.26 14.10
C SER B 134 -17.96 -13.62 13.55
N GLY B 135 -17.20 -14.66 13.89
CA GLY B 135 -17.56 -16.03 13.53
C GLY B 135 -18.95 -16.44 14.01
N GLY B 136 -19.35 -15.88 15.16
CA GLY B 136 -20.63 -16.20 15.79
C GLY B 136 -21.81 -15.46 15.18
N ASN B 137 -21.69 -14.14 15.05
CA ASN B 137 -22.76 -13.32 14.48
C ASN B 137 -22.24 -12.13 13.67
N THR B 138 -23.12 -11.57 12.83
CA THR B 138 -22.79 -10.38 12.05
C THR B 138 -24.01 -9.48 11.89
N GLN B 139 -23.83 -8.21 12.25
CA GLN B 139 -24.90 -7.22 12.22
C GLN B 139 -24.39 -5.81 12.47
N VAL B 140 -25.14 -4.82 11.98
CA VAL B 140 -24.78 -3.41 12.09
C VAL B 140 -25.54 -2.76 13.24
N ILE B 141 -24.80 -2.30 14.24
CA ILE B 141 -25.40 -1.66 15.40
C ILE B 141 -24.90 -0.24 15.56
N ALA B 142 -25.83 0.67 15.82
CA ALA B 142 -25.51 2.04 16.22
C ALA B 142 -26.54 2.54 17.22
N TYR B 143 -26.05 3.10 18.32
CA TYR B 143 -26.90 3.67 19.37
C TYR B 143 -27.76 4.78 18.79
N VAL B 144 -29.04 4.50 18.65
CA VAL B 144 -30.01 5.50 18.20
C VAL B 144 -31.23 5.49 19.10
N SER B 145 -31.55 6.66 19.65
CA SER B 145 -32.72 6.86 20.51
C SER B 145 -32.65 6.04 21.80
N LYS B 146 -31.73 6.41 22.69
CA LYS B 146 -31.61 5.82 24.04
C LYS B 146 -31.34 4.30 24.11
N LYS B 147 -31.45 3.61 22.98
CA LYS B 147 -31.13 2.19 22.90
C LYS B 147 -30.11 1.93 21.79
N TYR B 148 -29.38 0.83 21.93
CA TYR B 148 -28.54 0.34 20.85
C TYR B 148 -29.42 -0.45 19.88
N ARG B 149 -29.51 0.01 18.64
CA ARG B 149 -30.35 -0.67 17.66
C ARG B 149 -29.59 -1.32 16.51
N VAL B 150 -30.00 -2.54 16.21
CA VAL B 150 -29.45 -3.30 15.09
C VAL B 150 -30.21 -2.97 13.81
N PHE B 151 -29.47 -2.60 12.78
CA PHE B 151 -30.06 -2.24 11.50
C PHE B 151 -29.83 -3.34 10.46
N GLY B 152 -28.61 -3.40 9.93
CA GLY B 152 -28.20 -4.51 9.08
C GLY B 152 -28.08 -5.77 9.92
N GLU B 153 -28.45 -6.90 9.35
CA GLU B 153 -28.38 -8.17 10.06
C GLU B 153 -28.32 -9.37 9.11
N THR B 154 -27.46 -10.33 9.43
CA THR B 154 -27.44 -11.60 8.72
C THR B 154 -28.73 -12.34 9.01
N LEU B 155 -29.34 -12.89 7.96
CA LEU B 155 -30.59 -13.61 8.08
C LEU B 155 -30.37 -15.10 8.31
N ASP B 156 -29.12 -15.55 8.12
CA ASP B 156 -28.80 -16.98 8.18
C ASP B 156 -27.58 -17.32 9.05
N ILE B 157 -26.39 -17.06 8.53
CA ILE B 157 -25.14 -17.34 9.23
C ILE B 157 -24.15 -16.20 9.12
N ALA B 158 -23.32 -16.05 10.16
CA ALA B 158 -22.30 -15.01 10.24
C ALA B 158 -21.27 -15.12 9.11
N VAL B 159 -20.66 -13.98 8.77
CA VAL B 159 -19.62 -13.94 7.73
C VAL B 159 -18.48 -14.86 8.13
N GLY B 160 -18.15 -14.86 9.43
CA GLY B 160 -17.15 -15.77 9.98
C GLY B 160 -17.56 -17.21 9.76
N ASN B 161 -18.77 -17.55 10.21
CA ASN B 161 -19.35 -18.88 10.04
C ASN B 161 -19.35 -19.31 8.57
N CYS B 162 -19.89 -18.45 7.71
CA CYS B 162 -19.98 -18.71 6.27
C CYS B 162 -18.62 -18.91 5.61
N LEU B 163 -17.65 -18.08 5.99
CA LEU B 163 -16.28 -18.15 5.46
C LEU B 163 -15.57 -19.40 5.99
N ASP B 164 -15.63 -19.61 7.30
CA ASP B 164 -15.04 -20.78 7.97
C ASP B 164 -15.58 -22.10 7.42
N GLN B 165 -16.88 -22.14 7.19
CA GLN B 165 -17.58 -23.33 6.69
C GLN B 165 -17.07 -23.74 5.30
N PHE B 166 -16.83 -22.75 4.45
CA PHE B 166 -16.22 -22.99 3.14
C PHE B 166 -14.81 -23.54 3.28
N GLY B 177 -10.09 -18.72 7.94
CA GLY B 177 -10.03 -17.29 7.71
C GLY B 177 -8.80 -16.84 6.95
N PRO B 178 -7.61 -16.85 7.61
CA PRO B 178 -6.34 -16.39 7.04
C PRO B 178 -6.02 -16.95 5.66
N TYR B 179 -6.14 -18.27 5.50
CA TYR B 179 -5.75 -18.94 4.26
C TYR B 179 -6.68 -18.65 3.09
N ILE B 180 -7.94 -18.35 3.39
CA ILE B 180 -8.91 -17.93 2.37
C ILE B 180 -8.61 -16.50 1.93
N GLU B 181 -8.12 -15.68 2.88
CA GLU B 181 -7.63 -14.35 2.58
C GLU B 181 -6.31 -14.41 1.81
N GLU B 182 -5.47 -15.39 2.18
CA GLU B 182 -4.22 -15.68 1.48
C GLU B 182 -4.44 -16.05 0.02
N LEU B 183 -5.20 -17.12 -0.20
CA LEU B 183 -5.50 -17.63 -1.55
C LEU B 183 -6.28 -16.63 -2.39
N ALA B 184 -7.11 -15.80 -1.73
CA ALA B 184 -7.83 -14.72 -2.37
C ALA B 184 -6.88 -13.71 -3.02
N ARG B 185 -5.80 -13.39 -2.30
CA ARG B 185 -4.82 -12.41 -2.75
C ARG B 185 -4.04 -12.86 -3.99
N LYS B 186 -4.23 -14.13 -4.35
CA LYS B 186 -3.57 -14.72 -5.52
C LYS B 186 -4.55 -15.07 -6.64
N GLY B 187 -5.84 -14.74 -6.45
CA GLY B 187 -6.86 -14.96 -7.46
C GLY B 187 -6.80 -13.94 -8.57
N LYS B 188 -7.25 -14.33 -9.77
CA LYS B 188 -7.27 -13.42 -10.91
C LYS B 188 -8.67 -13.29 -11.50
N LYS B 189 -9.47 -14.36 -11.40
CA LYS B 189 -10.81 -14.39 -12.00
C LYS B 189 -11.92 -14.26 -10.95
N LEU B 190 -12.75 -13.23 -11.13
CA LEU B 190 -13.94 -13.01 -10.31
C LEU B 190 -15.02 -13.98 -10.79
N VAL B 191 -15.30 -15.00 -9.99
CA VAL B 191 -16.33 -16.00 -10.33
C VAL B 191 -17.72 -15.41 -10.06
N ASP B 192 -18.70 -15.83 -10.84
CA ASP B 192 -20.09 -15.41 -10.63
C ASP B 192 -20.70 -16.11 -9.41
N LEU B 193 -21.14 -15.31 -8.43
CA LEU B 193 -21.66 -15.82 -7.17
C LEU B 193 -22.92 -15.05 -6.75
N PRO B 194 -23.78 -15.65 -5.91
CA PRO B 194 -25.05 -15.01 -5.59
C PRO B 194 -24.93 -13.86 -4.61
N TYR B 195 -24.85 -12.63 -5.12
CA TYR B 195 -24.97 -11.42 -4.32
C TYR B 195 -26.42 -11.36 -3.84
N THR B 196 -26.61 -11.29 -2.52
CA THR B 196 -27.95 -11.35 -1.94
C THR B 196 -28.22 -10.27 -0.91
N VAL B 197 -29.17 -9.40 -1.22
CA VAL B 197 -29.63 -8.34 -0.33
C VAL B 197 -31.15 -8.46 -0.17
N LYS B 198 -31.58 -8.56 1.09
CA LYS B 198 -33.01 -8.57 1.43
C LYS B 198 -33.33 -7.30 2.22
N GLY B 199 -33.55 -6.22 1.48
CA GLY B 199 -33.81 -4.93 2.07
C GLY B 199 -32.54 -4.38 2.69
N MET B 200 -32.47 -4.42 4.01
CA MET B 200 -31.29 -3.97 4.72
C MET B 200 -30.45 -5.13 5.26
N ASP B 201 -31.01 -6.33 5.20
CA ASP B 201 -30.35 -7.52 5.73
C ASP B 201 -29.55 -8.24 4.66
N ILE B 202 -28.76 -9.23 5.08
CA ILE B 202 -27.99 -10.06 4.15
C ILE B 202 -28.28 -11.54 4.36
N ALA B 203 -28.04 -12.33 3.31
CA ALA B 203 -28.00 -13.78 3.43
C ALA B 203 -26.65 -14.28 2.89
N PHE B 204 -26.07 -15.26 3.57
CA PHE B 204 -24.75 -15.78 3.23
C PHE B 204 -24.73 -17.24 2.77
N SER B 205 -25.65 -18.06 3.31
CA SER B 205 -25.71 -19.49 2.99
C SER B 205 -25.99 -19.81 1.52
N GLY B 206 -26.64 -18.87 0.83
CA GLY B 206 -26.87 -18.97 -0.62
C GLY B 206 -25.60 -18.74 -1.40
N LEU B 207 -24.70 -17.93 -0.84
CA LEU B 207 -23.36 -17.73 -1.39
C LEU B 207 -22.47 -18.94 -1.05
N LEU B 208 -22.74 -19.57 0.09
CA LEU B 208 -21.97 -20.73 0.57
C LEU B 208 -22.31 -21.99 -0.24
N THR B 209 -23.61 -22.25 -0.41
CA THR B 209 -24.08 -23.37 -1.21
C THR B 209 -24.08 -23.00 -2.69
N ALA B 210 -23.12 -22.18 -3.08
CA ALA B 210 -22.91 -21.78 -4.47
C ALA B 210 -21.44 -21.41 -4.72
N ALA B 211 -20.67 -21.32 -3.64
CA ALA B 211 -19.22 -21.26 -3.73
C ALA B 211 -18.68 -22.67 -3.48
N MET B 212 -19.54 -23.52 -2.93
CA MET B 212 -19.25 -24.95 -2.74
C MET B 212 -19.64 -25.77 -3.96
N ARG B 213 -20.66 -25.31 -4.68
CA ARG B 213 -21.12 -25.99 -5.89
C ARG B 213 -20.35 -25.52 -7.13
N ALA B 214 -19.84 -24.28 -7.08
CA ALA B 214 -18.93 -23.75 -8.09
C ALA B 214 -17.52 -24.29 -7.85
N TYR B 215 -17.30 -24.81 -6.65
CA TYR B 215 -16.07 -25.54 -6.33
C TYR B 215 -16.20 -27.01 -6.74
N ASP B 216 -17.39 -27.56 -6.54
CA ASP B 216 -17.70 -28.93 -6.98
C ASP B 216 -17.75 -29.07 -8.50
N ALA B 217 -18.16 -28.01 -9.18
CA ALA B 217 -18.07 -27.96 -10.64
C ALA B 217 -16.62 -28.08 -11.08
N GLY B 218 -15.71 -27.55 -10.26
CA GLY B 218 -14.28 -27.66 -10.50
C GLY B 218 -13.48 -26.39 -10.24
N GLU B 219 -14.11 -25.24 -10.42
CA GLU B 219 -13.45 -23.92 -10.42
C GLU B 219 -12.40 -23.69 -9.34
N ARG B 220 -11.33 -23.00 -9.76
CA ARG B 220 -10.13 -22.75 -8.94
C ARG B 220 -10.45 -22.12 -7.58
N LEU B 221 -9.66 -22.50 -6.57
CA LEU B 221 -9.87 -22.03 -5.21
C LEU B 221 -9.54 -20.55 -5.06
N GLU B 222 -8.53 -20.08 -5.80
CA GLU B 222 -8.10 -18.68 -5.78
C GLU B 222 -9.11 -17.76 -6.46
N ASP B 223 -9.75 -18.28 -7.51
CA ASP B 223 -10.84 -17.59 -8.18
C ASP B 223 -12.04 -17.39 -7.24
N ILE B 224 -12.42 -18.46 -6.52
CA ILE B 224 -13.52 -18.41 -5.57
C ILE B 224 -13.17 -17.53 -4.38
N CYS B 225 -12.17 -17.94 -3.58
CA CYS B 225 -11.77 -17.22 -2.35
C CYS B 225 -11.70 -15.69 -2.50
N TYR B 226 -11.29 -15.22 -3.68
CA TYR B 226 -11.29 -13.80 -3.99
C TYR B 226 -12.72 -13.28 -4.08
N SER B 227 -13.48 -13.84 -5.02
CA SER B 227 -14.88 -13.47 -5.26
C SER B 227 -15.80 -13.83 -4.10
N LEU B 228 -15.45 -14.90 -3.39
CA LEU B 228 -16.17 -15.37 -2.22
C LEU B 228 -16.07 -14.34 -1.09
N GLN B 229 -14.94 -13.65 -1.04
CA GLN B 229 -14.74 -12.54 -0.11
C GLN B 229 -15.30 -11.23 -0.66
N GLU B 230 -15.20 -11.03 -1.97
CA GLU B 230 -15.70 -9.81 -2.63
C GLU B 230 -17.23 -9.69 -2.56
N TYR B 231 -17.93 -10.74 -2.98
CA TYR B 231 -19.38 -10.80 -2.84
C TYR B 231 -19.79 -10.73 -1.37
N ALA B 232 -19.08 -11.47 -0.52
CA ALA B 232 -19.36 -11.52 0.92
C ALA B 232 -19.16 -10.17 1.60
N PHE B 233 -18.00 -9.55 1.38
CA PHE B 233 -17.64 -8.30 2.03
C PHE B 233 -18.43 -7.14 1.46
N SER B 234 -18.77 -7.23 0.17
CA SER B 234 -19.58 -6.20 -0.49
C SER B 234 -21.04 -6.20 0.02
N MET B 235 -21.66 -7.38 0.09
CA MET B 235 -23.01 -7.51 0.65
C MET B 235 -23.09 -6.88 2.04
N LEU B 236 -21.97 -6.94 2.76
CA LEU B 236 -21.84 -6.31 4.07
C LEU B 236 -21.73 -4.80 3.97
N THR B 237 -20.71 -4.33 3.25
CA THR B 237 -20.45 -2.90 3.11
C THR B 237 -21.62 -2.19 2.43
N GLU B 238 -22.37 -2.94 1.61
CA GLU B 238 -23.63 -2.47 1.05
C GLU B 238 -24.56 -2.06 2.19
N ILE B 239 -24.76 -2.97 3.13
CA ILE B 239 -25.74 -2.78 4.22
C ILE B 239 -25.15 -2.05 5.43
N THR B 240 -23.83 -1.86 5.42
CA THR B 240 -23.17 -0.99 6.40
C THR B 240 -23.40 0.45 5.92
N GLU B 241 -23.39 0.63 4.60
CA GLU B 241 -23.69 1.92 3.98
C GLU B 241 -25.20 2.16 3.99
N ARG B 242 -25.96 1.13 3.62
CA ARG B 242 -27.42 1.19 3.58
C ARG B 242 -28.00 1.44 4.97
N ALA B 243 -27.25 1.01 5.98
CA ALA B 243 -27.57 1.31 7.38
C ALA B 243 -26.96 2.64 7.81
N LEU B 244 -25.82 3.00 7.23
CA LEU B 244 -25.21 4.32 7.45
C LEU B 244 -26.22 5.40 7.10
N ALA B 245 -27.09 5.07 6.15
CA ALA B 245 -28.14 5.97 5.67
C ALA B 245 -29.02 6.51 6.81
N HIS B 246 -30.09 5.81 7.12
CA HIS B 246 -31.09 6.30 8.08
C HIS B 246 -30.66 6.13 9.56
N THR B 247 -29.47 6.64 9.86
CA THR B 247 -28.91 6.59 11.21
C THR B 247 -28.35 7.93 11.63
N ASN B 248 -27.83 8.68 10.63
CA ASN B 248 -27.07 9.92 10.84
C ASN B 248 -25.72 9.71 11.51
N LYS B 249 -25.09 8.57 11.22
CA LYS B 249 -23.80 8.22 11.82
C LYS B 249 -22.61 8.60 10.95
N GLY B 250 -21.62 9.24 11.56
CA GLY B 250 -20.43 9.71 10.86
C GLY B 250 -19.23 8.79 10.95
N GLU B 251 -19.09 8.13 12.11
CA GLU B 251 -18.05 7.14 12.32
C GLU B 251 -18.53 5.76 11.89
N VAL B 252 -17.60 4.94 11.41
CA VAL B 252 -17.89 3.52 11.17
C VAL B 252 -16.85 2.66 11.90
N MET B 253 -17.26 2.05 13.00
CA MET B 253 -16.37 1.17 13.75
C MET B 253 -16.56 -0.26 13.25
N LEU B 254 -15.50 -1.05 13.34
CA LEU B 254 -15.53 -2.44 12.90
C LEU B 254 -15.02 -3.37 13.99
N VAL B 255 -15.96 -3.88 14.78
CA VAL B 255 -15.66 -4.80 15.86
C VAL B 255 -16.00 -6.24 15.47
N GLY B 256 -15.46 -7.21 16.21
CA GLY B 256 -15.69 -8.62 15.92
C GLY B 256 -14.44 -9.43 15.65
N GLY B 257 -14.58 -10.75 15.75
CA GLY B 257 -13.46 -11.67 15.57
C GLY B 257 -12.86 -11.60 14.18
N VAL B 258 -13.65 -12.01 13.19
CA VAL B 258 -13.21 -12.04 11.79
C VAL B 258 -13.14 -10.64 11.16
N ALA B 259 -13.19 -9.61 12.00
CA ALA B 259 -13.04 -8.22 11.57
C ALA B 259 -11.56 -7.81 11.53
N ALA B 260 -10.67 -8.80 11.54
CA ALA B 260 -9.24 -8.59 11.39
C ALA B 260 -8.81 -8.73 9.93
N ASN B 261 -9.64 -9.43 9.15
CA ASN B 261 -9.40 -9.63 7.72
C ASN B 261 -9.23 -8.29 7.00
N ASN B 262 -8.03 -8.06 6.49
CA ASN B 262 -7.65 -6.75 5.92
C ASN B 262 -8.33 -6.37 4.61
N ARG B 263 -8.95 -7.34 3.94
CA ARG B 263 -9.82 -7.05 2.79
C ARG B 263 -11.15 -6.49 3.26
N LEU B 264 -11.62 -6.95 4.41
CA LEU B 264 -12.83 -6.45 5.05
C LEU B 264 -12.58 -5.14 5.77
N ARG B 265 -11.33 -4.89 6.14
CA ARG B 265 -10.94 -3.62 6.76
C ARG B 265 -10.76 -2.50 5.74
N GLU B 266 -10.28 -2.84 4.54
CA GLU B 266 -9.98 -1.84 3.51
C GLU B 266 -11.20 -1.29 2.77
N MET B 267 -12.05 -2.18 2.21
CA MET B 267 -13.22 -1.71 1.48
C MET B 267 -14.18 -1.00 2.43
N LEU B 268 -13.97 -1.22 3.73
CA LEU B 268 -14.65 -0.45 4.76
C LEU B 268 -14.09 0.97 4.86
N LYS B 269 -12.78 1.12 4.73
CA LYS B 269 -12.16 2.44 4.65
C LYS B 269 -12.61 3.14 3.36
N ALA B 270 -12.53 2.43 2.24
CA ALA B 270 -12.89 2.96 0.92
C ALA B 270 -14.34 3.44 0.84
N MET B 271 -15.22 2.75 1.56
CA MET B 271 -16.59 3.19 1.74
C MET B 271 -16.64 4.41 2.66
N CYS B 272 -16.18 4.25 3.90
CA CYS B 272 -16.24 5.31 4.93
C CYS B 272 -15.43 6.56 4.55
N GLU B 273 -14.48 6.42 3.64
CA GLU B 273 -13.80 7.57 3.04
C GLU B 273 -14.52 7.95 1.75
N GLY B 274 -15.80 8.32 1.92
CA GLY B 274 -16.54 9.11 0.93
C GLY B 274 -16.30 10.57 1.28
N GLN B 275 -15.78 10.78 2.49
CA GLN B 275 -15.38 12.09 3.02
C GLN B 275 -14.22 11.86 4.00
N ASN B 276 -13.22 12.74 4.00
CA ASN B 276 -12.08 12.53 4.88
C ASN B 276 -12.39 12.92 6.31
N VAL B 277 -13.14 12.05 6.98
CA VAL B 277 -13.50 12.22 8.40
C VAL B 277 -13.29 10.98 9.29
N ASP B 278 -14.05 9.91 9.05
CA ASP B 278 -14.21 8.84 10.05
C ASP B 278 -14.26 7.38 9.56
N PHE B 279 -13.40 6.57 10.17
CA PHE B 279 -13.48 5.10 10.18
C PHE B 279 -12.73 4.63 11.41
N TYR B 280 -13.18 3.53 12.02
CA TYR B 280 -12.49 2.99 13.19
C TYR B 280 -12.36 1.47 13.20
N VAL B 281 -11.29 0.99 13.82
CA VAL B 281 -10.98 -0.44 13.95
C VAL B 281 -10.19 -0.71 15.24
N PRO B 282 -10.80 -1.42 16.20
CA PRO B 282 -10.13 -1.75 17.45
C PRO B 282 -8.93 -2.68 17.25
N PRO B 283 -7.96 -2.62 18.17
CA PRO B 283 -6.84 -3.59 18.24
C PRO B 283 -7.34 -5.04 18.32
N LYS B 284 -6.45 -5.99 18.03
CA LYS B 284 -6.78 -7.42 18.08
C LYS B 284 -7.18 -7.84 19.49
N GLU B 285 -6.49 -7.28 20.48
CA GLU B 285 -6.75 -7.52 21.89
C GLU B 285 -8.22 -7.35 22.27
N PHE B 286 -8.96 -6.58 21.45
CA PHE B 286 -10.34 -6.25 21.76
C PHE B 286 -11.32 -6.53 20.63
N CYS B 287 -10.83 -6.51 19.38
CA CYS B 287 -11.67 -6.91 18.25
C CYS B 287 -12.29 -8.29 18.51
N GLY B 288 -11.44 -9.26 18.83
CA GLY B 288 -11.89 -10.62 19.16
C GLY B 288 -12.53 -10.72 20.54
N ASP B 289 -13.56 -11.57 20.63
CA ASP B 289 -14.33 -11.76 21.86
C ASP B 289 -13.38 -12.05 23.03
N ASN B 290 -13.22 -11.07 23.92
CA ASN B 290 -12.27 -11.17 25.02
C ASN B 290 -12.92 -11.11 26.42
N GLY B 291 -12.11 -11.33 27.46
CA GLY B 291 -12.60 -11.28 28.84
C GLY B 291 -12.69 -9.88 29.42
N ALA B 292 -11.75 -9.02 29.04
CA ALA B 292 -11.68 -7.66 29.58
C ALA B 292 -12.81 -6.75 29.12
N MET B 293 -13.37 -7.05 27.95
CA MET B 293 -14.40 -6.19 27.34
C MET B 293 -15.70 -6.17 28.14
N ILE B 294 -16.15 -7.35 28.55
CA ILE B 294 -17.37 -7.48 29.35
C ILE B 294 -17.13 -6.98 30.78
N ALA B 295 -15.86 -6.99 31.20
CA ALA B 295 -15.46 -6.37 32.46
C ALA B 295 -15.71 -4.86 32.43
N TRP B 296 -15.56 -4.27 31.24
CA TRP B 296 -15.75 -2.83 31.07
C TRP B 296 -17.23 -2.46 30.94
N LEU B 297 -17.98 -3.22 30.14
CA LEU B 297 -19.37 -2.88 29.81
C LEU B 297 -20.31 -2.91 31.00
N GLY B 298 -20.08 -3.84 31.93
CA GLY B 298 -20.83 -3.91 33.18
C GLY B 298 -20.39 -2.85 34.16
N LEU B 299 -19.09 -2.55 34.14
CA LEU B 299 -18.52 -1.46 34.92
C LEU B 299 -19.28 -0.16 34.62
N LEU B 300 -19.53 0.09 33.34
CA LEU B 300 -20.36 1.21 32.89
C LEU B 300 -21.76 1.14 33.51
N MET B 301 -22.38 -0.03 33.41
CA MET B 301 -23.76 -0.25 33.89
C MET B 301 -23.92 -0.04 35.39
N HIS B 302 -22.94 -0.49 36.17
CA HIS B 302 -23.07 -0.46 37.63
C HIS B 302 -22.78 0.91 38.23
N LYS B 303 -22.04 1.73 37.50
CA LYS B 303 -21.77 3.11 37.94
C LYS B 303 -23.04 3.93 37.87
N ASN B 304 -23.70 3.89 36.70
CA ASN B 304 -24.92 4.66 36.44
C ASN B 304 -26.17 4.04 37.07
N GLY B 305 -26.05 2.79 37.51
CA GLY B 305 -27.09 2.14 38.31
C GLY B 305 -27.86 1.01 37.66
N ARG B 306 -27.18 -0.12 37.42
CA ARG B 306 -27.84 -1.36 37.00
C ARG B 306 -27.37 -2.50 37.90
N TRP B 307 -28.32 -3.23 38.48
CA TRP B 307 -28.03 -4.21 39.52
C TRP B 307 -28.82 -5.51 39.33
N MET B 308 -28.27 -6.43 38.55
CA MET B 308 -28.83 -7.78 38.38
C MET B 308 -28.61 -8.54 39.69
N SER B 309 -29.69 -9.00 40.32
CA SER B 309 -29.62 -9.63 41.65
C SER B 309 -29.01 -11.05 41.64
N LEU B 310 -28.47 -11.48 42.77
CA LEU B 310 -27.72 -12.74 42.86
C LEU B 310 -28.60 -13.97 42.65
N ASP B 311 -29.90 -13.85 42.94
CA ASP B 311 -30.84 -14.96 42.84
C ASP B 311 -31.49 -15.09 41.46
N GLU B 312 -31.24 -14.12 40.59
CA GLU B 312 -31.92 -14.06 39.29
C GLU B 312 -31.00 -13.81 38.09
N THR B 313 -29.68 -13.84 38.31
CA THR B 313 -28.72 -13.61 37.21
C THR B 313 -28.71 -14.73 36.18
N LYS B 314 -29.91 -15.11 35.72
CA LYS B 314 -30.09 -16.17 34.73
C LYS B 314 -29.73 -15.71 33.33
N ILE B 315 -29.03 -16.58 32.62
CA ILE B 315 -28.55 -16.28 31.28
C ILE B 315 -29.69 -16.16 30.30
N ILE B 316 -29.55 -15.19 29.41
CA ILE B 316 -30.50 -15.01 28.33
C ILE B 316 -29.77 -15.32 27.01
N PRO B 317 -29.82 -16.59 26.56
CA PRO B 317 -29.10 -17.01 25.36
C PRO B 317 -29.50 -16.16 24.15
N ASN B 318 -30.74 -15.67 24.15
CA ASN B 318 -31.19 -14.70 23.15
C ASN B 318 -31.56 -13.35 23.77
N TYR B 319 -30.55 -12.50 23.90
CA TYR B 319 -30.66 -11.23 24.61
C TYR B 319 -30.27 -10.09 23.68
N ARG B 320 -31.25 -9.57 22.95
CA ARG B 320 -31.03 -8.54 21.96
C ARG B 320 -30.69 -7.18 22.55
N THR B 321 -30.21 -6.28 21.69
CA THR B 321 -29.74 -4.96 22.10
C THR B 321 -30.88 -4.01 22.45
N ASP B 322 -32.04 -4.23 21.83
CA ASP B 322 -33.25 -3.42 22.06
C ASP B 322 -33.74 -3.56 23.49
N MET B 323 -33.47 -4.72 24.10
CA MET B 323 -33.79 -4.97 25.48
C MET B 323 -32.63 -4.62 26.42
N VAL B 324 -31.67 -3.84 25.91
CA VAL B 324 -30.64 -3.23 26.73
C VAL B 324 -30.79 -1.71 26.63
N GLU B 325 -31.47 -1.13 27.61
CA GLU B 325 -31.62 0.31 27.72
C GLU B 325 -30.29 0.91 28.17
N VAL B 326 -30.05 2.17 27.80
CA VAL B 326 -28.79 2.82 28.17
C VAL B 326 -28.91 3.73 29.39
N ASN B 327 -27.80 3.84 30.12
CA ASN B 327 -27.62 4.83 31.18
C ASN B 327 -26.17 5.29 31.22
N TRP B 328 -25.33 4.62 30.42
CA TRP B 328 -23.89 4.91 30.35
C TRP B 328 -23.50 5.87 29.22
N ILE B 329 -24.33 5.91 28.17
CA ILE B 329 -24.18 6.91 27.10
C ILE B 329 -25.55 7.43 26.65
N GLU B 349 -27.38 3.62 -2.97
CA GLU B 349 -27.28 5.00 -3.43
C GLU B 349 -26.97 5.09 -4.93
N ALA B 350 -27.78 5.87 -5.63
CA ALA B 350 -27.59 6.21 -7.04
C ALA B 350 -28.38 7.49 -7.28
N ASP B 351 -27.78 8.47 -7.95
CA ASP B 351 -28.39 9.80 -8.05
C ASP B 351 -29.38 9.98 -9.22
N ILE B 352 -30.36 10.85 -9.01
CA ILE B 352 -31.37 11.13 -10.02
C ILE B 352 -31.24 12.53 -10.59
N LYS B 353 -31.51 12.64 -11.89
CA LYS B 353 -31.56 13.92 -12.59
C LYS B 353 -32.95 14.10 -13.20
N ARG B 354 -33.59 15.23 -12.91
CA ARG B 354 -34.85 15.55 -13.53
C ARG B 354 -34.64 16.17 -14.91
N ASP B 355 -35.34 15.61 -15.90
CA ASP B 355 -35.21 16.02 -17.30
C ASP B 355 -36.59 15.92 -17.96
N SER B 356 -36.74 16.55 -19.11
CA SER B 356 -37.94 16.35 -19.92
C SER B 356 -37.55 15.52 -21.14
N TYR B 357 -38.27 14.42 -21.38
CA TYR B 357 -38.03 13.62 -22.57
C TYR B 357 -38.82 14.14 -23.77
N LEU B 358 -39.93 13.48 -24.08
CA LEU B 358 -40.69 13.78 -25.28
C LEU B 358 -41.66 14.91 -24.97
N ASP B 359 -42.75 14.58 -24.30
CA ASP B 359 -43.67 15.59 -23.79
C ASP B 359 -43.93 15.34 -22.31
N PHE B 360 -42.93 14.78 -21.63
CA PHE B 360 -43.05 14.42 -20.23
C PHE B 360 -41.84 14.88 -19.47
N ASP B 361 -42.08 15.39 -18.26
CA ASP B 361 -41.02 15.58 -17.29
C ASP B 361 -40.69 14.22 -16.67
N VAL B 362 -39.43 13.83 -16.81
CA VAL B 362 -38.97 12.50 -16.42
C VAL B 362 -37.76 12.57 -15.49
N ILE B 363 -37.34 11.42 -14.95
CA ILE B 363 -36.06 11.34 -14.23
C ILE B 363 -35.15 10.29 -14.87
N ILE B 364 -33.86 10.35 -14.54
CA ILE B 364 -32.87 9.38 -15.03
C ILE B 364 -31.95 8.87 -13.91
N LYS B 365 -32.00 7.56 -13.65
CA LYS B 365 -31.29 6.93 -12.53
C LYS B 365 -29.88 6.47 -12.89
N GLU B 366 -28.91 7.35 -12.67
CA GLU B 366 -27.50 7.00 -12.85
C GLU B 366 -27.04 6.17 -11.66
N ARG B 367 -26.83 4.88 -11.89
CA ARG B 367 -26.39 3.96 -10.85
C ARG B 367 -24.93 4.20 -10.52
N VAL B 368 -24.67 5.27 -9.75
CA VAL B 368 -23.29 5.70 -9.48
C VAL B 368 -22.41 4.52 -9.04
N LYS B 369 -21.24 4.41 -9.64
CA LYS B 369 -20.31 3.33 -9.33
C LYS B 369 -19.63 3.57 -7.99
N LYS B 370 -19.43 2.49 -7.24
CA LYS B 370 -18.78 2.56 -5.95
C LYS B 370 -17.34 2.10 -6.06
N GLY B 371 -16.43 2.95 -5.60
CA GLY B 371 -14.99 2.69 -5.68
C GLY B 371 -14.51 1.60 -4.74
N TYR B 372 -15.21 1.43 -3.61
CA TYR B 372 -14.81 0.47 -2.59
C TYR B 372 -14.84 -0.98 -3.07
N ARG B 373 -15.69 -1.26 -4.05
CA ARG B 373 -15.90 -2.64 -4.51
C ARG B 373 -15.15 -2.96 -5.81
N ASP B 374 -14.79 -4.24 -5.94
CA ASP B 374 -14.11 -4.80 -7.11
C ASP B 374 -14.64 -4.23 -8.43
N GLU B 375 -13.72 -3.82 -9.31
CA GLU B 375 -14.06 -3.18 -10.56
C GLU B 375 -14.95 -4.03 -11.48
N ARG B 376 -14.73 -5.34 -11.48
CA ARG B 376 -15.53 -6.26 -12.28
C ARG B 376 -16.92 -6.46 -11.69
N LEU B 377 -17.00 -6.54 -10.36
CA LEU B 377 -18.27 -6.69 -9.66
C LEU B 377 -19.05 -5.37 -9.58
N ASP B 378 -18.35 -4.26 -9.36
CA ASP B 378 -18.96 -2.93 -9.22
C ASP B 378 -19.96 -2.63 -10.32
N GLU B 379 -19.48 -2.61 -11.56
CA GLU B 379 -20.33 -2.33 -12.71
C GLU B 379 -21.24 -3.53 -13.05
N ASN B 380 -20.87 -4.71 -12.56
CA ASN B 380 -21.63 -5.92 -12.81
C ASN B 380 -23.02 -5.91 -12.17
N ILE B 381 -23.13 -5.36 -10.97
CA ILE B 381 -24.42 -5.33 -10.27
C ILE B 381 -25.28 -4.17 -10.77
N ARG B 382 -24.67 -3.00 -10.99
CA ARG B 382 -25.42 -1.82 -11.42
C ARG B 382 -26.03 -1.95 -12.82
N LYS B 383 -25.44 -2.83 -13.64
CA LYS B 383 -26.07 -3.28 -14.88
C LYS B 383 -27.19 -4.25 -14.54
N SER B 384 -26.85 -5.25 -13.72
CA SER B 384 -27.73 -6.34 -13.30
C SER B 384 -29.04 -5.86 -12.65
N ARG B 385 -28.94 -4.80 -11.85
CA ARG B 385 -30.10 -4.23 -11.16
C ARG B 385 -30.92 -3.30 -12.05
N THR B 386 -30.24 -2.57 -12.95
CA THR B 386 -30.90 -1.74 -13.96
C THR B 386 -31.73 -2.61 -14.91
N ALA B 387 -31.20 -3.78 -15.22
CA ALA B 387 -31.87 -4.77 -16.08
C ALA B 387 -33.09 -5.41 -15.42
N ARG B 388 -33.32 -5.10 -14.15
CA ARG B 388 -34.47 -5.62 -13.42
C ARG B 388 -35.42 -4.52 -12.97
N GLU B 389 -34.86 -3.35 -12.68
CA GLU B 389 -35.66 -2.17 -12.38
C GLU B 389 -36.47 -1.82 -13.62
N ALA B 390 -35.88 -2.04 -14.79
CA ALA B 390 -36.59 -1.90 -16.06
C ALA B 390 -37.57 -3.04 -16.25
N ARG B 391 -37.07 -4.27 -16.19
CA ARG B 391 -37.87 -5.47 -16.47
C ARG B 391 -39.05 -5.68 -15.54
N TYR B 392 -39.00 -5.07 -14.36
CA TYR B 392 -40.03 -5.29 -13.36
C TYR B 392 -41.02 -4.12 -13.20
N LEU B 393 -40.50 -2.90 -13.12
CA LEU B 393 -41.37 -1.70 -13.07
C LEU B 393 -42.26 -1.60 -14.31
N ALA B 394 -41.97 -2.44 -15.31
CA ALA B 394 -42.78 -2.55 -16.52
C ALA B 394 -43.74 -3.73 -16.44
N LEU B 395 -43.18 -4.91 -16.13
CA LEU B 395 -43.93 -6.15 -15.97
C LEU B 395 -44.98 -6.02 -14.86
N VAL B 396 -44.73 -5.08 -13.95
CA VAL B 396 -45.62 -4.83 -12.82
C VAL B 396 -47.00 -4.32 -13.28
N LYS B 397 -47.02 -3.57 -14.39
CA LYS B 397 -48.27 -3.06 -14.96
C LYS B 397 -49.20 -4.18 -15.45
N ASP B 398 -48.60 -5.29 -15.88
CA ASP B 398 -49.33 -6.44 -16.43
C ASP B 398 -50.38 -7.05 -15.48
N PHE B 399 -50.22 -6.83 -14.18
CA PHE B 399 -51.24 -7.23 -13.21
C PHE B 399 -51.78 -6.03 -12.43
N GLY B 400 -51.90 -4.91 -13.12
CA GLY B 400 -52.56 -3.71 -12.61
C GLY B 400 -51.99 -3.16 -11.32
N ILE B 401 -50.73 -2.72 -11.37
CA ILE B 401 -50.10 -2.03 -10.24
C ILE B 401 -49.19 -0.90 -10.75
N PRO B 402 -49.46 0.34 -10.28
CA PRO B 402 -48.79 1.55 -10.79
C PRO B 402 -47.29 1.62 -10.53
N ALA B 403 -46.55 1.98 -11.58
CA ALA B 403 -45.12 2.28 -11.52
C ALA B 403 -44.82 3.22 -12.70
N PRO B 404 -43.78 4.07 -12.58
CA PRO B 404 -43.44 5.00 -13.66
C PRO B 404 -43.23 4.32 -15.01
N TYR B 405 -43.58 5.02 -16.09
CA TYR B 405 -43.30 4.54 -17.45
C TYR B 405 -41.80 4.65 -17.68
N ILE B 406 -41.17 3.54 -18.07
CA ILE B 406 -39.77 3.58 -18.45
C ILE B 406 -39.63 3.84 -19.94
N PHE B 407 -39.05 4.98 -20.28
CA PHE B 407 -38.92 5.41 -21.67
C PHE B 407 -37.59 5.01 -22.32
N ASP B 408 -36.60 4.68 -21.51
CA ASP B 408 -35.28 4.33 -22.00
C ASP B 408 -34.50 3.47 -21.00
N VAL B 409 -33.88 2.39 -21.50
CA VAL B 409 -32.98 1.56 -20.71
C VAL B 409 -31.57 1.65 -21.31
N ASP B 410 -30.60 1.98 -20.47
CA ASP B 410 -29.23 2.19 -20.93
C ASP B 410 -28.20 1.47 -20.05
N LEU B 411 -28.08 0.15 -20.26
CA LEU B 411 -27.17 -0.69 -19.47
C LEU B 411 -25.71 -0.32 -19.61
N ASP B 412 -25.38 0.38 -20.70
CA ASP B 412 -24.00 0.83 -20.95
C ASP B 412 -23.59 1.90 -19.95
N ASN B 413 -24.52 2.78 -19.61
CA ASN B 413 -24.27 3.83 -18.62
C ASN B 413 -24.96 3.55 -17.29
N LYS B 414 -25.76 2.48 -17.28
CA LYS B 414 -26.52 2.06 -16.10
C LYS B 414 -27.52 3.13 -15.65
N ARG B 415 -28.03 3.87 -16.63
CA ARG B 415 -29.08 4.85 -16.39
C ARG B 415 -30.40 4.41 -17.01
N ILE B 416 -31.49 4.89 -16.44
CA ILE B 416 -32.83 4.49 -16.86
C ILE B 416 -33.78 5.69 -16.83
N MET B 417 -34.44 5.94 -17.96
CA MET B 417 -35.38 7.05 -18.05
C MET B 417 -36.81 6.61 -17.70
N MET B 418 -37.30 7.09 -16.57
CA MET B 418 -38.68 6.86 -16.18
C MET B 418 -39.39 8.17 -15.84
N SER B 419 -40.68 8.22 -16.17
CA SER B 419 -41.49 9.41 -15.94
C SER B 419 -41.37 9.92 -14.51
N TYR B 420 -41.15 11.23 -14.37
CA TYR B 420 -41.11 11.86 -13.06
C TYR B 420 -42.51 12.02 -12.47
N ILE B 421 -42.82 11.13 -11.52
CA ILE B 421 -44.01 11.27 -10.71
C ILE B 421 -43.62 12.10 -9.49
N ASN B 422 -44.40 13.14 -9.21
CA ASN B 422 -44.05 14.14 -8.20
C ASN B 422 -43.99 13.60 -6.77
N GLY B 423 -42.77 13.52 -6.24
CA GLY B 423 -42.48 12.85 -4.97
C GLY B 423 -43.32 13.23 -3.76
N LYS B 424 -43.96 12.23 -3.17
CA LYS B 424 -44.64 12.33 -1.87
C LYS B 424 -44.61 10.97 -1.19
N LEU B 425 -43.41 10.56 -0.77
CA LEU B 425 -43.14 9.21 -0.26
C LEU B 425 -44.18 8.72 0.72
N ALA B 426 -44.64 7.48 0.51
CA ALA B 426 -45.60 6.82 1.40
C ALA B 426 -45.14 6.88 2.85
N LYS B 427 -43.82 6.78 3.04
CA LYS B 427 -43.14 6.95 4.33
C LYS B 427 -43.58 8.23 5.05
N ASP B 428 -43.51 9.36 4.33
CA ASP B 428 -43.75 10.67 4.91
C ASP B 428 -45.23 10.93 5.16
N VAL B 429 -46.08 10.24 4.40
CA VAL B 429 -47.51 10.54 4.35
C VAL B 429 -48.37 9.50 5.09
N ILE B 430 -47.72 8.52 5.71
CA ILE B 430 -48.44 7.41 6.33
C ILE B 430 -49.13 7.74 7.68
N GLU B 431 -48.67 8.80 8.34
CA GLU B 431 -49.23 9.23 9.63
C GLU B 431 -50.68 9.72 9.49
N ASP B 432 -50.86 10.89 8.87
CA ASP B 432 -52.18 11.50 8.67
C ASP B 432 -53.05 10.71 7.70
N ASN B 433 -52.45 10.30 6.58
CA ASN B 433 -53.12 9.42 5.63
C ASN B 433 -52.72 7.97 5.86
N LEU B 434 -53.33 7.38 6.89
CA LEU B 434 -53.13 5.98 7.26
C LEU B 434 -53.73 5.06 6.20
N ASP B 435 -54.65 5.63 5.42
CA ASP B 435 -55.36 4.92 4.35
C ASP B 435 -54.41 4.38 3.28
N ILE B 436 -53.22 4.98 3.20
CA ILE B 436 -52.17 4.61 2.24
C ILE B 436 -51.61 3.21 2.50
N ALA B 437 -51.57 2.80 3.77
CA ALA B 437 -51.11 1.47 4.18
C ALA B 437 -51.92 0.34 3.54
N TYR B 438 -53.15 0.64 3.15
CA TYR B 438 -54.05 -0.33 2.55
C TYR B 438 -53.58 -0.83 1.18
N LYS B 439 -53.33 0.10 0.25
CA LYS B 439 -52.96 -0.24 -1.12
C LYS B 439 -51.55 -0.85 -1.23
N ILE B 440 -50.64 -0.41 -0.37
CA ILE B 440 -49.28 -0.98 -0.33
C ILE B 440 -49.37 -2.48 -0.04
N GLY B 441 -50.25 -2.83 0.90
CA GLY B 441 -50.56 -4.23 1.19
C GLY B 441 -51.17 -4.90 -0.02
N GLU B 442 -52.12 -4.20 -0.65
CA GLU B 442 -52.79 -4.71 -1.84
C GLU B 442 -51.82 -5.06 -2.95
N ILE B 443 -51.00 -4.09 -3.36
CA ILE B 443 -50.14 -4.25 -4.54
C ILE B 443 -49.00 -5.26 -4.35
N VAL B 444 -48.66 -5.54 -3.08
CA VAL B 444 -47.72 -6.60 -2.74
C VAL B 444 -48.37 -7.97 -2.98
N GLY B 445 -49.65 -8.06 -2.67
CA GLY B 445 -50.43 -9.29 -2.89
C GLY B 445 -50.58 -9.67 -4.36
N LYS B 446 -50.57 -8.66 -5.22
CA LYS B 446 -50.56 -8.86 -6.68
C LYS B 446 -49.30 -9.62 -7.07
N LEU B 447 -48.17 -9.10 -6.58
CA LEU B 447 -46.83 -9.65 -6.87
C LEU B 447 -46.67 -11.09 -6.40
N HIS B 448 -47.17 -11.36 -5.18
CA HIS B 448 -47.07 -12.69 -4.58
C HIS B 448 -47.99 -13.71 -5.25
N LYS B 449 -49.04 -13.20 -5.90
CA LYS B 449 -49.91 -14.03 -6.73
C LYS B 449 -49.18 -14.46 -8.00
N ASN B 450 -48.35 -13.57 -8.53
CA ASN B 450 -47.67 -13.77 -9.82
C ASN B 450 -46.24 -14.29 -9.72
N ASP B 451 -45.80 -14.63 -8.51
CA ASP B 451 -44.43 -15.12 -8.24
C ASP B 451 -43.34 -14.06 -8.42
N VAL B 452 -43.76 -12.79 -8.51
CA VAL B 452 -42.82 -11.68 -8.58
C VAL B 452 -42.51 -11.22 -7.17
N ILE B 453 -41.23 -11.33 -6.78
CA ILE B 453 -40.84 -10.98 -5.42
C ILE B 453 -39.78 -9.88 -5.36
N HIS B 454 -40.24 -8.68 -5.00
CA HIS B 454 -39.36 -7.58 -4.65
C HIS B 454 -38.57 -8.05 -3.43
N ASN B 455 -37.37 -7.48 -3.22
CA ASN B 455 -36.59 -7.85 -2.04
C ASN B 455 -36.22 -6.68 -1.14
N ASP B 456 -36.72 -5.50 -1.49
CA ASP B 456 -36.40 -4.27 -0.77
C ASP B 456 -37.68 -3.45 -0.59
N LEU B 457 -38.64 -4.03 0.12
CA LEU B 457 -39.90 -3.35 0.37
C LEU B 457 -39.79 -2.38 1.55
N THR B 458 -39.92 -1.10 1.25
CA THR B 458 -39.91 -0.03 2.25
C THR B 458 -40.91 1.05 1.88
N THR B 459 -41.35 1.82 2.88
CA THR B 459 -42.35 2.89 2.69
C THR B 459 -41.79 4.07 1.88
N SER B 460 -40.47 4.12 1.73
CA SER B 460 -39.82 5.12 0.89
C SER B 460 -39.67 4.64 -0.55
N ASN B 461 -40.11 3.41 -0.83
CA ASN B 461 -40.13 2.86 -2.18
C ASN B 461 -41.41 3.24 -2.95
N PHE B 462 -42.34 3.88 -2.25
CA PHE B 462 -43.62 4.29 -2.84
C PHE B 462 -43.81 5.80 -2.73
N ILE B 463 -44.56 6.37 -3.66
CA ILE B 463 -44.94 7.79 -3.60
C ILE B 463 -46.46 7.96 -3.79
N PHE B 464 -46.90 9.22 -3.77
CA PHE B 464 -48.31 9.53 -3.95
C PHE B 464 -48.56 10.74 -4.86
N ASP B 465 -49.12 10.47 -6.04
CA ASP B 465 -49.74 11.50 -6.87
C ASP B 465 -51.24 11.31 -6.83
N LYS B 466 -51.68 10.08 -7.10
CA LYS B 466 -53.08 9.66 -6.92
C LYS B 466 -53.14 8.23 -6.40
N ASP B 467 -52.34 7.36 -7.00
CA ASP B 467 -52.22 5.96 -6.57
C ASP B 467 -50.91 5.77 -5.81
N LEU B 468 -50.50 4.51 -5.64
CA LEU B 468 -49.22 4.21 -5.00
C LEU B 468 -48.24 3.55 -5.96
N TYR B 469 -47.54 4.40 -6.70
CA TYR B 469 -46.51 3.98 -7.64
C TYR B 469 -45.24 3.56 -6.87
N ILE B 470 -44.73 2.37 -7.19
CA ILE B 470 -43.42 1.94 -6.69
C ILE B 470 -42.37 2.58 -7.60
N ILE B 471 -41.53 3.43 -7.02
CA ILE B 471 -40.47 4.11 -7.78
C ILE B 471 -39.11 3.38 -7.72
N ASP B 472 -39.15 2.10 -7.35
CA ASP B 472 -37.97 1.26 -7.24
C ASP B 472 -38.32 -0.22 -7.36
N PHE B 473 -37.46 -0.97 -8.05
CA PHE B 473 -37.57 -2.43 -8.13
C PHE B 473 -36.21 -3.12 -8.34
N GLY B 474 -35.15 -2.31 -8.36
CA GLY B 474 -33.76 -2.75 -8.64
C GLY B 474 -33.39 -4.22 -8.44
N LEU B 475 -33.63 -4.72 -7.23
CA LEU B 475 -33.37 -6.12 -6.92
C LEU B 475 -34.67 -6.84 -6.57
N GLY B 476 -34.89 -7.97 -7.24
CA GLY B 476 -36.11 -8.74 -7.01
C GLY B 476 -36.54 -9.54 -8.23
N LYS B 477 -35.94 -10.72 -8.40
CA LYS B 477 -36.27 -11.63 -9.49
C LYS B 477 -37.56 -12.40 -9.19
N ILE B 478 -37.92 -13.36 -10.05
CA ILE B 478 -39.14 -14.15 -9.88
C ILE B 478 -38.88 -15.53 -9.29
N GLU B 483 -41.23 -20.07 0.70
CA GLU B 483 -40.41 -19.43 1.73
C GLU B 483 -40.00 -18.02 1.33
N ASP B 484 -39.76 -17.82 0.03
CA ASP B 484 -39.42 -16.51 -0.54
C ASP B 484 -40.44 -15.45 -0.18
N LYS B 485 -41.70 -15.74 -0.53
CA LYS B 485 -42.84 -14.87 -0.26
C LYS B 485 -42.90 -14.42 1.21
N ALA B 486 -42.74 -15.39 2.11
CA ALA B 486 -42.75 -15.14 3.55
C ALA B 486 -41.59 -14.25 4.01
N VAL B 487 -40.42 -14.45 3.41
CA VAL B 487 -39.23 -13.66 3.71
C VAL B 487 -39.43 -12.19 3.36
N ASP B 488 -40.03 -11.94 2.19
CA ASP B 488 -40.26 -10.57 1.72
C ASP B 488 -41.22 -9.81 2.63
N LEU B 489 -42.20 -10.53 3.19
CA LEU B 489 -43.15 -9.93 4.12
C LEU B 489 -42.45 -9.38 5.36
N ILE B 490 -41.70 -10.23 6.07
CA ILE B 490 -40.96 -9.82 7.27
C ILE B 490 -39.90 -8.74 6.99
N VAL B 491 -39.43 -8.68 5.76
CA VAL B 491 -38.50 -7.63 5.31
C VAL B 491 -39.16 -6.24 5.44
N PHE B 492 -40.41 -6.14 5.01
CA PHE B 492 -41.16 -4.90 5.16
C PHE B 492 -41.64 -4.65 6.60
N LYS B 493 -42.02 -5.73 7.29
CA LYS B 493 -42.42 -5.65 8.70
C LYS B 493 -41.30 -5.04 9.52
N LYS B 494 -40.08 -5.56 9.33
CA LYS B 494 -38.87 -5.04 9.97
C LYS B 494 -38.61 -3.60 9.53
N ALA B 495 -38.94 -3.27 8.28
CA ALA B 495 -38.77 -1.92 7.74
C ALA B 495 -39.69 -0.91 8.42
N VAL B 496 -40.93 -1.30 8.70
CA VAL B 496 -41.87 -0.45 9.43
C VAL B 496 -41.49 -0.36 10.91
N LEU B 497 -41.10 -1.49 11.49
CA LEU B 497 -40.57 -1.52 12.85
C LEU B 497 -39.32 -0.67 13.00
N SER B 498 -38.54 -0.57 11.91
CA SER B 498 -37.31 0.22 11.89
C SER B 498 -37.58 1.73 11.97
N THR B 499 -38.32 2.25 11.00
CA THR B 499 -38.49 3.70 10.85
C THR B 499 -39.83 4.23 11.36
N HIS B 500 -40.81 3.33 11.53
CA HIS B 500 -42.14 3.72 12.01
C HIS B 500 -42.61 2.90 13.23
N HIS B 501 -41.74 2.80 14.24
CA HIS B 501 -42.09 2.13 15.51
C HIS B 501 -43.07 2.96 16.33
N GLU B 502 -43.09 4.27 16.05
CA GLU B 502 -43.95 5.21 16.77
C GLU B 502 -45.45 4.94 16.56
N LYS B 503 -45.81 4.48 15.36
CA LYS B 503 -47.19 4.17 15.03
C LYS B 503 -47.27 2.91 14.15
N PHE B 504 -46.49 1.89 14.53
CA PHE B 504 -46.45 0.60 13.83
C PHE B 504 -47.73 -0.19 14.03
N ASP B 505 -48.12 -0.36 15.30
CA ASP B 505 -49.28 -1.17 15.67
C ASP B 505 -50.54 -0.66 14.97
N GLU B 506 -51.37 -1.61 14.54
CA GLU B 506 -52.62 -1.33 13.82
C GLU B 506 -52.37 -0.73 12.42
N ILE B 507 -51.15 -0.88 11.92
CA ILE B 507 -50.83 -0.48 10.54
C ILE B 507 -50.11 -1.60 9.75
N TRP B 508 -49.54 -2.57 10.47
CA TRP B 508 -49.12 -3.85 9.86
C TRP B 508 -50.38 -4.68 9.61
N GLU B 509 -51.44 -4.35 10.36
CA GLU B 509 -52.78 -4.86 10.13
C GLU B 509 -53.40 -4.20 8.91
N ARG B 510 -53.23 -2.87 8.81
CA ARG B 510 -53.72 -2.09 7.67
C ARG B 510 -53.01 -2.45 6.36
N PHE B 511 -51.81 -3.00 6.48
CA PHE B 511 -51.07 -3.62 5.38
C PHE B 511 -51.84 -4.86 4.93
N LEU B 512 -52.03 -5.78 5.88
CA LEU B 512 -52.75 -7.04 5.66
C LEU B 512 -54.16 -6.80 5.14
N GLU B 513 -54.79 -5.72 5.61
CA GLU B 513 -56.12 -5.31 5.15
C GLU B 513 -56.18 -5.31 3.62
N GLY B 514 -55.09 -4.87 3.00
CA GLY B 514 -54.95 -4.92 1.54
C GLY B 514 -54.38 -6.23 1.04
N TYR B 515 -53.45 -6.80 1.79
CA TYR B 515 -52.77 -8.05 1.40
C TYR B 515 -53.67 -9.28 1.45
N LYS B 516 -54.50 -9.35 2.50
CA LYS B 516 -55.52 -10.39 2.63
C LYS B 516 -56.50 -10.28 1.46
N SER B 517 -56.84 -9.04 1.10
CA SER B 517 -57.77 -8.73 0.02
C SER B 517 -57.36 -9.38 -1.31
N VAL B 518 -56.10 -9.19 -1.68
CA VAL B 518 -55.63 -9.58 -3.01
C VAL B 518 -55.23 -11.06 -3.09
N TYR B 519 -54.12 -11.42 -2.44
CA TYR B 519 -53.58 -12.77 -2.53
C TYR B 519 -54.37 -13.78 -1.69
N ASP B 520 -54.80 -14.86 -2.32
CA ASP B 520 -55.60 -15.90 -1.66
C ASP B 520 -54.77 -16.80 -0.73
N ARG B 521 -53.59 -17.23 -1.20
CA ARG B 521 -52.70 -18.04 -0.37
C ARG B 521 -51.96 -17.20 0.67
N TRP B 522 -52.69 -16.28 1.31
CA TRP B 522 -52.12 -15.33 2.26
C TRP B 522 -51.87 -15.95 3.64
N GLU B 523 -52.80 -16.78 4.12
CA GLU B 523 -52.62 -17.51 5.36
C GLU B 523 -51.62 -18.66 5.19
N ILE B 524 -51.32 -18.97 3.93
CA ILE B 524 -50.40 -20.04 3.58
C ILE B 524 -48.95 -19.64 3.86
N ILE B 525 -48.54 -18.47 3.38
CA ILE B 525 -47.16 -17.99 3.60
C ILE B 525 -46.96 -17.26 4.94
N LEU B 526 -48.05 -16.77 5.54
CA LEU B 526 -47.96 -16.08 6.84
C LEU B 526 -47.83 -17.09 7.99
N GLU B 527 -48.36 -18.30 7.78
CA GLU B 527 -48.19 -19.41 8.72
C GLU B 527 -46.75 -19.94 8.64
N LEU B 528 -46.21 -19.97 7.43
CA LEU B 528 -44.81 -20.33 7.19
C LEU B 528 -43.88 -19.18 7.59
N MET B 529 -44.43 -17.97 7.67
CA MET B 529 -43.68 -16.81 8.17
C MET B 529 -43.32 -16.99 9.64
N LYS B 530 -44.19 -17.68 10.39
CA LYS B 530 -43.93 -18.05 11.77
C LYS B 530 -42.79 -19.05 11.89
N ASP B 531 -42.73 -20.00 10.94
CA ASP B 531 -41.69 -21.03 10.91
C ASP B 531 -40.28 -20.47 10.66
N VAL B 532 -40.20 -19.44 9.81
CA VAL B 532 -38.92 -18.81 9.48
C VAL B 532 -38.52 -17.73 10.48
N GLU B 533 -39.50 -17.19 11.22
CA GLU B 533 -39.24 -16.23 12.28
C GLU B 533 -38.65 -16.92 13.52
N ARG B 534 -39.06 -18.17 13.77
CA ARG B 534 -38.51 -18.98 14.85
C ARG B 534 -37.11 -19.45 14.49
N ASP C 4 -32.40 20.45 -36.65
CA ASP C 4 -33.47 20.52 -37.69
C ASP C 4 -34.25 19.19 -37.71
N PRO C 5 -35.58 19.25 -37.49
CA PRO C 5 -36.33 18.00 -37.30
C PRO C 5 -36.67 17.29 -38.60
N MET C 6 -36.93 15.99 -38.49
CA MET C 6 -37.43 15.18 -39.60
C MET C 6 -38.77 15.71 -40.06
N ILE C 7 -38.98 15.77 -41.37
CA ILE C 7 -40.29 16.11 -41.92
C ILE C 7 -41.23 14.95 -41.61
N ILE C 8 -41.93 15.07 -40.49
CA ILE C 8 -42.90 14.05 -40.08
C ILE C 8 -44.32 14.62 -40.17
N ARG C 9 -45.04 14.19 -41.20
CA ARG C 9 -46.42 14.61 -41.42
C ARG C 9 -47.28 13.43 -41.87
N GLY C 10 -48.46 13.29 -41.28
CA GLY C 10 -49.41 12.26 -41.69
C GLY C 10 -49.99 12.58 -43.05
N ILE C 11 -50.47 11.55 -43.74
CA ILE C 11 -51.08 11.74 -45.06
C ILE C 11 -52.35 10.88 -45.19
N ARG C 12 -53.45 11.53 -45.56
CA ARG C 12 -54.71 10.83 -45.78
C ARG C 12 -54.91 10.48 -47.25
N GLY C 13 -55.39 9.28 -47.51
CA GLY C 13 -55.48 8.76 -48.89
C GLY C 13 -54.09 8.39 -49.36
N ALA C 14 -53.76 7.11 -49.28
CA ALA C 14 -52.43 6.65 -49.65
C ALA C 14 -52.44 5.74 -50.88
N ARG C 15 -51.36 5.78 -51.65
CA ARG C 15 -51.19 4.92 -52.81
C ARG C 15 -49.84 4.20 -52.72
N ILE C 16 -49.73 3.31 -51.75
CA ILE C 16 -48.51 2.51 -51.55
C ILE C 16 -48.33 1.53 -52.71
N ASN C 17 -47.34 1.81 -53.55
CA ASN C 17 -47.09 1.00 -54.73
C ASN C 17 -45.66 0.48 -54.81
N ASN C 18 -45.47 -0.49 -55.70
CA ASN C 18 -44.16 -0.90 -56.24
C ASN C 18 -43.12 0.22 -56.10
N GLU C 19 -43.41 1.33 -56.78
CA GLU C 19 -42.52 2.49 -56.99
C GLU C 19 -41.70 2.97 -55.78
N ILE C 20 -42.34 3.72 -54.89
CA ILE C 20 -41.65 4.61 -53.94
C ILE C 20 -40.28 4.14 -53.44
N PHE C 21 -40.16 2.85 -53.15
CA PHE C 21 -38.98 2.30 -52.50
C PHE C 21 -37.71 2.33 -53.36
N ASN C 22 -37.46 1.25 -54.10
CA ASN C 22 -36.18 1.06 -54.79
C ASN C 22 -35.90 2.02 -55.97
N LEU C 23 -35.94 3.31 -55.67
CA LEU C 23 -35.57 4.37 -56.62
C LEU C 23 -34.75 5.46 -55.93
N GLY C 24 -34.28 5.18 -54.72
CA GLY C 24 -33.48 6.14 -53.96
C GLY C 24 -34.21 6.79 -52.81
N LEU C 25 -35.31 6.15 -52.39
CA LEU C 25 -36.06 6.57 -51.19
C LEU C 25 -35.14 6.57 -49.96
N LYS C 26 -34.48 7.70 -49.74
CA LYS C 26 -33.71 7.90 -48.52
C LYS C 26 -34.58 8.54 -47.43
N PHE C 27 -35.83 8.06 -47.32
CA PHE C 27 -36.82 8.60 -46.39
C PHE C 27 -38.00 7.63 -46.14
N GLN C 28 -38.12 7.21 -44.88
CA GLN C 28 -39.04 6.14 -44.45
C GLN C 28 -40.48 6.60 -44.18
N ILE C 29 -41.45 5.71 -44.40
CA ILE C 29 -42.87 5.95 -44.08
C ILE C 29 -43.55 4.74 -43.41
N LEU C 30 -44.33 4.99 -42.37
CA LEU C 30 -45.03 3.92 -41.64
C LEU C 30 -46.54 3.96 -41.88
N ASN C 31 -47.27 3.03 -41.25
CA ASN C 31 -48.74 3.00 -41.26
C ASN C 31 -49.33 3.89 -40.17
N ALA C 32 -50.08 4.91 -40.58
CA ALA C 32 -50.59 5.93 -39.66
C ALA C 32 -51.66 5.45 -38.67
N ASP C 33 -52.25 4.28 -38.96
CA ASP C 33 -53.30 3.72 -38.12
C ASP C 33 -52.79 3.23 -36.76
N VAL C 34 -51.51 2.87 -36.71
CA VAL C 34 -50.89 2.34 -35.50
C VAL C 34 -49.64 3.15 -35.09
N VAL C 35 -49.63 4.43 -35.46
CA VAL C 35 -48.67 5.38 -34.89
C VAL C 35 -49.35 6.14 -33.76
N ALA C 36 -48.78 6.06 -32.55
CA ALA C 36 -49.41 6.60 -31.33
C ALA C 36 -49.69 8.10 -31.44
N THR C 37 -48.62 8.88 -31.60
CA THR C 37 -48.71 10.32 -31.88
C THR C 37 -47.50 10.68 -32.72
N LYS C 38 -47.29 11.97 -32.97
CA LYS C 38 -46.07 12.44 -33.60
C LYS C 38 -44.88 12.14 -32.69
N LYS C 39 -45.18 12.05 -31.38
CA LYS C 39 -44.21 11.68 -30.36
C LYS C 39 -43.67 10.26 -30.58
N HIS C 40 -44.56 9.31 -30.79
CA HIS C 40 -44.22 7.91 -31.10
C HIS C 40 -43.07 7.82 -32.11
N VAL C 41 -43.22 8.52 -33.23
CA VAL C 41 -42.18 8.58 -34.26
C VAL C 41 -40.92 9.25 -33.72
N LEU C 42 -41.08 10.44 -33.15
CA LEU C 42 -39.98 11.21 -32.57
C LEU C 42 -39.17 10.36 -31.58
N HIS C 43 -39.84 9.41 -30.95
CA HIS C 43 -39.23 8.45 -30.04
C HIS C 43 -38.46 7.40 -30.83
N ALA C 44 -39.18 6.71 -31.72
CA ALA C 44 -38.60 5.68 -32.57
C ALA C 44 -37.36 6.15 -33.33
N ILE C 45 -37.37 7.42 -33.79
CA ILE C 45 -36.21 8.00 -34.50
C ILE C 45 -35.03 8.25 -33.55
N ASN C 46 -35.33 8.60 -32.31
CA ASN C 46 -34.30 8.79 -31.28
C ASN C 46 -33.75 7.45 -30.82
N GLN C 47 -34.62 6.44 -30.80
CA GLN C 47 -34.26 5.10 -30.38
C GLN C 47 -33.40 4.42 -31.44
N ALA C 48 -33.81 4.55 -32.70
CA ALA C 48 -33.02 4.09 -33.84
C ALA C 48 -31.68 4.82 -33.92
N LYS C 49 -31.70 6.10 -33.55
CA LYS C 49 -30.52 6.96 -33.67
C LYS C 49 -29.46 6.68 -32.62
N THR C 50 -29.84 6.18 -31.46
CA THR C 50 -28.90 6.03 -30.34
C THR C 50 -28.82 4.64 -29.70
N LYS C 51 -29.27 3.61 -30.41
CA LYS C 51 -29.14 2.24 -29.93
C LYS C 51 -28.45 1.33 -30.95
N LYS C 52 -27.81 0.27 -30.48
CA LYS C 52 -27.09 -0.69 -31.33
C LYS C 52 -27.96 -1.15 -32.51
N PRO C 53 -27.58 -0.75 -33.74
CA PRO C 53 -28.38 -0.93 -34.95
C PRO C 53 -28.99 -2.33 -35.12
N ILE C 54 -30.30 -2.40 -34.88
CA ILE C 54 -31.08 -3.62 -35.03
C ILE C 54 -31.43 -3.86 -36.50
N ALA C 55 -31.45 -2.79 -37.28
CA ALA C 55 -31.58 -2.87 -38.74
C ALA C 55 -30.38 -2.21 -39.40
N LYS C 56 -30.01 -2.71 -40.58
CA LYS C 56 -28.76 -2.31 -41.24
C LYS C 56 -28.82 -0.96 -41.99
N SER C 57 -30.00 -0.36 -42.04
CA SER C 57 -30.13 1.03 -42.46
C SER C 57 -31.03 1.79 -41.50
N PHE C 58 -30.62 3.03 -41.20
CA PHE C 58 -31.32 3.91 -40.28
C PHE C 58 -32.81 4.03 -40.56
N TRP C 59 -33.15 4.14 -41.84
CA TRP C 59 -34.54 4.34 -42.26
C TRP C 59 -35.40 3.10 -42.08
N MET C 60 -34.80 1.92 -42.18
CA MET C 60 -35.54 0.67 -41.97
C MET C 60 -35.54 0.30 -40.49
N GLU C 61 -34.67 0.95 -39.72
CA GLU C 61 -34.64 0.76 -38.27
C GLU C 61 -35.81 1.46 -37.61
N ILE C 62 -36.08 2.70 -38.02
CA ILE C 62 -37.25 3.42 -37.55
C ILE C 62 -38.49 2.53 -37.59
N LEU C 63 -38.62 1.71 -38.65
CA LEU C 63 -39.74 0.76 -38.77
C LEU C 63 -39.76 -0.24 -37.61
N VAL C 64 -38.62 -0.87 -37.34
CA VAL C 64 -38.55 -1.89 -36.29
C VAL C 64 -38.63 -1.28 -34.88
N ARG C 65 -38.08 -0.08 -34.69
CA ARG C 65 -38.15 0.58 -33.39
C ARG C 65 -39.60 0.95 -33.08
N ALA C 66 -40.22 1.68 -34.00
CA ALA C 66 -41.63 2.04 -33.90
C ALA C 66 -42.54 0.80 -33.80
N SER C 67 -42.07 -0.32 -34.36
CA SER C 67 -42.83 -1.58 -34.32
C SER C 67 -42.96 -2.12 -32.89
N GLY C 68 -42.03 -1.73 -32.03
CA GLY C 68 -41.98 -2.17 -30.63
C GLY C 68 -41.65 -3.65 -30.52
N GLN C 69 -40.88 -4.14 -31.49
CA GLN C 69 -40.53 -5.55 -31.58
C GLN C 69 -39.21 -5.72 -32.32
N ARG C 70 -38.45 -6.74 -31.93
CA ARG C 70 -37.14 -7.01 -32.52
C ARG C 70 -37.19 -7.48 -33.98
N GLN C 71 -38.01 -8.49 -34.26
CA GLN C 71 -38.16 -9.04 -35.62
C GLN C 71 -38.45 -7.94 -36.63
N ILE C 72 -37.87 -8.08 -37.83
CA ILE C 72 -38.04 -7.09 -38.90
C ILE C 72 -39.26 -7.40 -39.79
N HIS C 73 -39.39 -8.66 -40.18
CA HIS C 73 -40.45 -9.12 -41.08
C HIS C 73 -41.81 -9.04 -40.39
N GLU C 74 -41.82 -9.33 -39.10
CA GLU C 74 -43.02 -9.24 -38.28
C GLU C 74 -43.29 -7.77 -37.93
N ALA C 75 -42.23 -6.95 -37.96
CA ALA C 75 -42.35 -5.52 -37.70
C ALA C 75 -43.14 -4.84 -38.81
N ILE C 76 -42.85 -5.23 -40.04
CA ILE C 76 -43.56 -4.73 -41.21
C ILE C 76 -45.01 -5.21 -41.17
N LYS C 77 -45.22 -6.39 -40.59
CA LYS C 77 -46.57 -6.97 -40.49
C LYS C 77 -47.51 -6.08 -39.67
N ILE C 78 -46.96 -5.36 -38.70
CA ILE C 78 -47.78 -4.56 -37.79
C ILE C 78 -47.72 -3.04 -37.96
N ILE C 79 -46.62 -2.51 -38.48
CA ILE C 79 -46.48 -1.05 -38.65
C ILE C 79 -46.07 -0.59 -40.06
N GLY C 80 -45.81 -1.56 -40.94
CA GLY C 80 -45.44 -1.28 -42.33
C GLY C 80 -46.52 -0.48 -43.04
N ALA C 81 -46.08 0.49 -43.84
CA ALA C 81 -46.98 1.39 -44.57
C ALA C 81 -47.90 0.64 -45.54
N LYS C 82 -49.17 1.05 -45.57
CA LYS C 82 -50.17 0.41 -46.42
C LYS C 82 -51.20 1.41 -46.96
N ASP C 83 -51.96 0.98 -47.98
CA ASP C 83 -53.02 1.80 -48.58
C ASP C 83 -53.96 2.38 -47.53
N GLY C 84 -54.26 3.66 -47.67
CA GLY C 84 -55.12 4.36 -46.71
C GLY C 84 -54.47 5.62 -46.15
N ASN C 85 -53.76 5.46 -45.05
CA ASN C 85 -53.07 6.59 -44.40
C ASN C 85 -51.69 6.21 -43.88
N VAL C 86 -50.76 7.15 -43.98
CA VAL C 86 -49.35 6.89 -43.67
C VAL C 86 -48.70 8.06 -42.93
N CYS C 87 -47.55 7.81 -42.30
CA CYS C 87 -46.75 8.87 -41.69
C CYS C 87 -45.34 8.97 -42.32
N LEU C 88 -45.26 9.82 -43.34
CA LEU C 88 -44.05 10.03 -44.13
C LEU C 88 -42.96 10.74 -43.33
N ILE C 89 -41.74 10.22 -43.40
CA ILE C 89 -40.57 10.84 -42.78
C ILE C 89 -39.56 11.18 -43.88
N CYS C 90 -39.03 12.40 -43.85
CA CYS C 90 -38.05 12.87 -44.84
C CYS C 90 -36.96 13.72 -44.21
N GLU C 91 -36.15 14.36 -45.05
CA GLU C 91 -35.10 15.27 -44.60
C GLU C 91 -35.23 16.62 -45.29
N ASP C 92 -35.39 16.60 -46.62
CA ASP C 92 -35.49 17.81 -47.43
C ASP C 92 -36.90 17.96 -47.98
N GLU C 93 -37.41 19.20 -48.00
CA GLU C 93 -38.81 19.49 -48.33
C GLU C 93 -39.31 18.91 -49.65
N GLU C 94 -38.43 18.91 -50.66
CA GLU C 94 -38.79 18.42 -51.99
C GLU C 94 -38.45 16.94 -52.21
N THR C 95 -37.58 16.39 -51.37
CA THR C 95 -37.38 14.94 -51.34
C THR C 95 -38.64 14.30 -50.78
N PHE C 96 -39.32 15.04 -49.90
CA PHE C 96 -40.66 14.71 -49.41
C PHE C 96 -41.69 14.80 -50.53
N ARG C 97 -41.60 15.87 -51.33
CA ARG C 97 -42.51 16.13 -52.45
C ARG C 97 -42.54 15.02 -53.49
N LYS C 98 -41.36 14.44 -53.76
CA LYS C 98 -41.23 13.33 -54.70
C LYS C 98 -42.09 12.12 -54.34
N ILE C 99 -42.03 11.70 -53.09
CA ILE C 99 -42.78 10.54 -52.58
C ILE C 99 -44.27 10.88 -52.41
N TYR C 100 -44.53 12.09 -51.89
CA TYR C 100 -45.88 12.61 -51.75
C TYR C 100 -46.60 12.69 -53.09
N GLU C 101 -45.84 12.90 -54.17
CA GLU C 101 -46.36 12.89 -55.54
C GLU C 101 -46.72 11.49 -56.00
N LEU C 102 -45.90 10.51 -55.61
CA LEU C 102 -46.10 9.11 -55.98
C LEU C 102 -47.33 8.48 -55.32
N ILE C 103 -47.42 8.57 -53.98
CA ILE C 103 -48.64 8.20 -53.25
C ILE C 103 -49.67 9.33 -53.43
N GLY C 104 -50.81 9.23 -52.74
CA GLY C 104 -51.87 10.23 -52.95
C GLY C 104 -52.19 11.09 -51.74
N GLY C 105 -53.41 11.64 -51.76
CA GLY C 105 -54.05 12.29 -50.61
C GLY C 105 -53.43 13.54 -50.01
N GLU C 106 -54.16 14.17 -49.11
CA GLU C 106 -53.70 15.39 -48.44
C GLU C 106 -52.81 15.11 -47.25
N ILE C 107 -51.86 16.01 -47.04
CA ILE C 107 -51.09 16.07 -45.80
C ILE C 107 -52.09 16.32 -44.67
N ASP C 108 -52.15 15.38 -43.72
CA ASP C 108 -53.10 15.45 -42.61
C ASP C 108 -52.48 14.89 -41.32
N ASP C 109 -52.02 15.80 -40.46
CA ASP C 109 -51.37 15.44 -39.19
C ASP C 109 -52.33 14.84 -38.16
N SER C 110 -53.63 14.97 -38.42
CA SER C 110 -54.66 14.47 -37.51
C SER C 110 -54.90 12.96 -37.61
N VAL C 111 -54.29 12.33 -38.61
CA VAL C 111 -54.38 10.87 -38.76
C VAL C 111 -53.25 10.16 -38.00
N LEU C 112 -52.28 10.96 -37.57
CA LEU C 112 -51.18 10.47 -36.74
C LEU C 112 -51.67 10.16 -35.34
N GLU C 113 -52.46 11.08 -34.78
CA GLU C 113 -52.88 10.96 -33.39
C GLU C 113 -53.91 9.88 -33.13
N ILE C 114 -53.93 9.43 -31.88
CA ILE C 114 -54.78 8.34 -31.40
C ILE C 114 -56.25 8.80 -31.29
N ASN C 115 -57.11 8.18 -32.09
CA ASN C 115 -58.55 8.39 -31.99
C ASN C 115 -59.05 7.72 -30.71
N GLU C 116 -60.37 7.73 -30.49
CA GLU C 116 -60.94 6.86 -29.48
C GLU C 116 -60.86 5.42 -30.02
N ASP C 117 -60.74 5.31 -31.35
CA ASP C 117 -60.65 4.03 -32.09
C ASP C 117 -59.34 3.28 -31.91
N LYS C 118 -58.23 4.00 -32.01
CA LYS C 118 -56.89 3.42 -31.88
C LYS C 118 -56.71 2.77 -30.51
N GLU C 119 -57.05 3.51 -29.45
CA GLU C 119 -56.77 3.07 -28.07
C GLU C 119 -57.42 1.76 -27.63
N ARG C 120 -58.04 1.04 -28.56
CA ARG C 120 -58.30 -0.39 -28.36
C ARG C 120 -57.50 -1.26 -29.32
N LEU C 121 -57.47 -0.87 -30.60
CA LEU C 121 -56.73 -1.62 -31.62
C LEU C 121 -55.21 -1.48 -31.49
N ILE C 122 -54.75 -0.26 -31.17
CA ILE C 122 -53.32 0.03 -31.03
C ILE C 122 -52.71 -0.78 -29.89
N ARG C 123 -53.41 -0.83 -28.76
CA ARG C 123 -52.94 -1.57 -27.59
C ARG C 123 -53.46 -3.01 -27.54
N GLU C 124 -54.23 -3.41 -28.56
CA GLU C 124 -54.53 -4.83 -28.77
C GLU C 124 -53.32 -5.50 -29.40
N ILE C 125 -52.73 -4.81 -30.39
CA ILE C 125 -51.57 -5.34 -31.09
C ILE C 125 -50.24 -4.86 -30.48
N PHE C 126 -50.33 -4.08 -29.41
CA PHE C 126 -49.16 -3.67 -28.62
C PHE C 126 -49.21 -4.27 -27.21
N LYS C 127 -50.32 -4.91 -26.88
CA LYS C 127 -50.52 -5.53 -25.57
C LYS C 127 -50.47 -4.53 -24.41
N VAL C 134 -52.11 5.22 -21.95
CA VAL C 134 -52.38 4.35 -23.09
C VAL C 134 -51.63 4.83 -24.36
N VAL C 135 -50.93 5.95 -24.23
CA VAL C 135 -50.26 6.59 -25.36
C VAL C 135 -48.74 6.67 -25.18
N GLU C 136 -48.30 6.55 -23.93
CA GLU C 136 -46.88 6.64 -23.58
C GLU C 136 -46.37 5.26 -23.25
N ARG C 137 -47.31 4.36 -22.93
CA ARG C 137 -47.03 2.95 -22.73
C ARG C 137 -46.38 2.37 -23.99
N VAL C 138 -46.83 2.85 -25.15
CA VAL C 138 -46.24 2.49 -26.45
C VAL C 138 -44.73 2.77 -26.49
N LEU C 139 -44.33 3.94 -26.00
CA LEU C 139 -42.92 4.35 -25.96
C LEU C 139 -42.06 3.40 -25.11
N GLU C 140 -42.64 2.90 -24.02
CA GLU C 140 -41.93 2.01 -23.12
C GLU C 140 -41.78 0.60 -23.69
N LYS C 141 -42.67 0.22 -24.60
CA LYS C 141 -42.51 -1.01 -25.36
C LYS C 141 -41.30 -0.88 -26.29
N ILE C 142 -41.17 0.29 -26.89
CA ILE C 142 -40.02 0.62 -27.75
C ILE C 142 -38.73 0.72 -26.92
N ALA C 143 -38.87 1.17 -25.67
CA ALA C 143 -37.72 1.36 -24.78
C ALA C 143 -37.12 0.03 -24.33
N LEU C 144 -37.99 -0.93 -24.08
CA LEU C 144 -37.59 -2.25 -23.59
C LEU C 144 -37.24 -3.20 -24.75
N ILE C 145 -37.31 -2.68 -25.98
CA ILE C 145 -37.06 -3.47 -27.18
C ILE C 145 -35.73 -4.25 -27.14
N GLU C 146 -34.90 -3.96 -26.14
CA GLU C 146 -33.57 -4.56 -26.04
C GLU C 146 -33.33 -5.30 -24.72
N LEU C 147 -34.31 -6.06 -24.26
CA LEU C 147 -34.17 -6.85 -23.03
C LEU C 147 -34.70 -8.27 -23.17
N ASP D 4 59.46 -16.51 -24.41
CA ASP D 4 60.56 -17.36 -23.87
C ASP D 4 60.62 -17.27 -22.34
N PRO D 5 60.31 -18.38 -21.64
CA PRO D 5 60.26 -18.36 -20.17
C PRO D 5 61.64 -18.54 -19.52
N MET D 6 61.73 -18.14 -18.25
CA MET D 6 62.91 -18.35 -17.42
C MET D 6 63.15 -19.84 -17.24
N ILE D 7 64.42 -20.26 -17.36
CA ILE D 7 64.78 -21.62 -17.06
C ILE D 7 64.60 -21.81 -15.56
N ILE D 8 63.42 -22.30 -15.18
CA ILE D 8 63.13 -22.58 -13.77
C ILE D 8 63.00 -24.07 -13.54
N ARG D 9 64.03 -24.65 -12.92
CA ARG D 9 64.05 -26.07 -12.61
C ARG D 9 64.64 -26.30 -11.23
N GLY D 10 63.99 -27.15 -10.44
CA GLY D 10 64.49 -27.56 -9.13
C GLY D 10 65.72 -28.43 -9.26
N ILE D 11 66.56 -28.45 -8.23
CA ILE D 11 67.76 -29.28 -8.22
C ILE D 11 67.94 -29.98 -6.88
N ARG D 12 68.09 -31.31 -6.92
CA ARG D 12 68.33 -32.10 -5.71
C ARG D 12 69.81 -32.35 -5.50
N GLY D 13 70.26 -32.23 -4.25
CA GLY D 13 71.68 -32.27 -3.93
C GLY D 13 72.32 -30.96 -4.34
N ALA D 14 72.48 -30.05 -3.39
CA ALA D 14 73.04 -28.74 -3.69
C ALA D 14 74.40 -28.52 -3.04
N ARG D 15 75.23 -27.72 -3.71
CA ARG D 15 76.53 -27.33 -3.19
C ARG D 15 76.69 -25.82 -3.26
N ILE D 16 75.91 -25.12 -2.43
CA ILE D 16 75.96 -23.66 -2.35
C ILE D 16 77.28 -23.22 -1.73
N ASN D 17 78.14 -22.65 -2.58
CA ASN D 17 79.47 -22.22 -2.14
C ASN D 17 79.77 -20.76 -2.42
N ASN D 18 80.81 -20.25 -1.75
CA ASN D 18 81.53 -19.05 -2.13
C ASN D 18 81.25 -18.68 -3.60
N GLU D 19 81.67 -19.60 -4.48
CA GLU D 19 81.77 -19.41 -5.93
C GLU D 19 80.60 -18.74 -6.65
N ILE D 20 79.54 -19.51 -6.88
CA ILE D 20 78.50 -19.18 -7.87
C ILE D 20 78.22 -17.69 -8.11
N PHE D 21 78.15 -16.92 -7.02
CA PHE D 21 77.72 -15.51 -7.06
C PHE D 21 78.67 -14.56 -7.82
N ASN D 22 79.60 -13.93 -7.11
CA ASN D 22 80.43 -12.85 -7.67
C ASN D 22 81.43 -13.29 -8.75
N LEU D 23 80.91 -13.91 -9.80
CA LEU D 23 81.69 -14.24 -10.99
C LEU D 23 80.89 -13.97 -12.28
N GLY D 24 79.79 -13.24 -12.14
CA GLY D 24 78.95 -12.89 -13.27
C GLY D 24 77.64 -13.66 -13.33
N LEU D 25 77.25 -14.24 -12.19
CA LEU D 25 75.94 -14.89 -12.04
C LEU D 25 74.81 -13.90 -12.37
N LYS D 26 74.44 -13.83 -13.65
CA LYS D 26 73.27 -13.06 -14.06
C LYS D 26 72.02 -13.94 -14.04
N PHE D 27 71.91 -14.76 -13.00
CA PHE D 27 70.82 -15.73 -12.83
C PHE D 27 70.65 -16.24 -11.40
N GLN D 28 69.48 -15.94 -10.84
CA GLN D 28 69.16 -16.14 -9.42
C GLN D 28 68.72 -17.56 -9.06
N ILE D 29 68.98 -17.98 -7.81
CA ILE D 29 68.48 -19.27 -7.28
C ILE D 29 68.01 -19.18 -5.82
N LEU D 30 66.87 -19.81 -5.52
CA LEU D 30 66.29 -19.76 -4.17
C LEU D 30 66.39 -21.13 -3.47
N ASN D 31 65.89 -21.19 -2.24
CA ASN D 31 65.78 -22.45 -1.48
C ASN D 31 64.50 -23.21 -1.82
N ALA D 32 64.66 -24.39 -2.38
CA ALA D 32 63.53 -25.17 -2.89
C ALA D 32 62.56 -25.70 -1.82
N ASP D 33 63.00 -25.69 -0.56
CA ASP D 33 62.18 -26.20 0.54
C ASP D 33 60.99 -25.30 0.86
N VAL D 34 61.10 -24.02 0.52
CA VAL D 34 60.05 -23.03 0.81
C VAL D 34 59.61 -22.29 -0.48
N VAL D 35 59.75 -22.97 -1.63
CA VAL D 35 59.11 -22.51 -2.87
C VAL D 35 57.80 -23.29 -3.04
N ALA D 36 56.68 -22.57 -3.11
CA ALA D 36 55.33 -23.15 -3.14
C ALA D 36 55.13 -24.13 -4.30
N THR D 37 55.26 -23.62 -5.53
CA THR D 37 55.29 -24.46 -6.74
C THR D 37 56.12 -23.71 -7.75
N LYS D 38 56.16 -24.21 -8.99
CA LYS D 38 56.81 -23.49 -10.08
C LYS D 38 56.06 -22.18 -10.32
N LYS D 39 54.78 -22.18 -9.93
CA LYS D 39 53.92 -20.99 -9.99
C LYS D 39 54.45 -19.87 -9.08
N HIS D 40 54.72 -20.21 -7.82
CA HIS D 40 55.31 -19.30 -6.84
C HIS D 40 56.40 -18.43 -7.46
N VAL D 41 57.39 -19.07 -8.09
CA VAL D 41 58.46 -18.37 -8.79
C VAL D 41 57.90 -17.53 -9.93
N LEU D 42 57.10 -18.17 -10.79
CA LEU D 42 56.52 -17.51 -11.95
C LEU D 42 55.79 -16.23 -11.54
N HIS D 43 55.29 -16.24 -10.31
CA HIS D 43 54.61 -15.10 -9.71
C HIS D 43 55.64 -14.06 -9.28
N ALA D 44 56.56 -14.46 -8.40
CA ALA D 44 57.63 -13.60 -7.91
C ALA D 44 58.36 -12.89 -9.05
N ILE D 45 58.60 -13.59 -10.17
CA ILE D 45 59.30 -13.00 -11.32
C ILE D 45 58.42 -11.96 -12.01
N ASN D 46 57.11 -12.19 -12.01
CA ASN D 46 56.17 -11.24 -12.60
C ASN D 46 56.01 -10.04 -11.68
N GLN D 47 56.10 -10.31 -10.37
CA GLN D 47 55.94 -9.27 -9.37
C GLN D 47 57.17 -8.36 -9.34
N ALA D 48 58.35 -8.99 -9.37
CA ALA D 48 59.60 -8.26 -9.49
C ALA D 48 59.65 -7.48 -10.82
N LYS D 49 59.06 -8.04 -11.86
CA LYS D 49 59.15 -7.47 -13.20
C LYS D 49 58.24 -6.26 -13.40
N THR D 50 57.16 -6.16 -12.63
CA THR D 50 56.17 -5.10 -12.85
C THR D 50 55.81 -4.25 -11.63
N LYS D 51 56.64 -4.25 -10.60
CA LYS D 51 56.42 -3.39 -9.43
C LYS D 51 57.65 -2.54 -9.10
N LYS D 52 57.43 -1.39 -8.45
CA LYS D 52 58.49 -0.44 -8.11
C LYS D 52 59.65 -1.14 -7.41
N PRO D 53 60.81 -1.20 -8.10
CA PRO D 53 61.95 -2.02 -7.68
C PRO D 53 62.29 -1.89 -6.19
N ILE D 54 61.96 -2.93 -5.44
CA ILE D 54 62.28 -3.02 -4.02
C ILE D 54 63.73 -3.44 -3.80
N ALA D 55 64.32 -4.09 -4.80
CA ALA D 55 65.74 -4.41 -4.83
C ALA D 55 66.39 -3.81 -6.08
N LYS D 56 67.67 -3.46 -5.98
CA LYS D 56 68.34 -2.68 -7.02
C LYS D 56 68.83 -3.51 -8.22
N SER D 57 68.69 -4.82 -8.14
CA SER D 57 68.86 -5.66 -9.31
C SER D 57 67.70 -6.65 -9.41
N PHE D 58 67.20 -6.83 -10.63
CA PHE D 58 66.08 -7.72 -10.93
C PHE D 58 66.21 -9.13 -10.33
N TRP D 59 67.42 -9.68 -10.38
CA TRP D 59 67.68 -11.03 -9.90
C TRP D 59 67.63 -11.14 -8.39
N MET D 60 68.01 -10.07 -7.69
CA MET D 60 67.97 -10.09 -6.24
C MET D 60 66.59 -9.70 -5.76
N GLU D 61 65.80 -9.12 -6.66
CA GLU D 61 64.41 -8.76 -6.34
C GLU D 61 63.54 -10.00 -6.28
N ILE D 62 63.73 -10.91 -7.23
CA ILE D 62 63.05 -12.20 -7.23
C ILE D 62 63.13 -12.83 -5.83
N LEU D 63 64.29 -12.73 -5.19
CA LEU D 63 64.48 -13.22 -3.82
C LEU D 63 63.51 -12.57 -2.85
N VAL D 64 63.46 -11.25 -2.83
CA VAL D 64 62.60 -10.52 -1.88
C VAL D 64 61.10 -10.65 -2.19
N ARG D 65 60.73 -10.73 -3.48
CA ARG D 65 59.33 -10.88 -3.85
C ARG D 65 58.86 -12.25 -3.39
N ALA D 66 59.58 -13.29 -3.82
CA ALA D 66 59.28 -14.66 -3.41
C ALA D 66 59.33 -14.81 -1.90
N SER D 67 60.11 -13.97 -1.23
CA SER D 67 60.23 -14.02 0.22
C SER D 67 58.91 -13.66 0.90
N GLY D 68 58.08 -12.91 0.19
CA GLY D 68 56.80 -12.43 0.71
C GLY D 68 56.98 -11.41 1.82
N GLN D 69 58.09 -10.68 1.77
CA GLN D 69 58.47 -9.70 2.79
C GLN D 69 59.35 -8.60 2.20
N ARG D 70 59.21 -7.38 2.72
CA ARG D 70 59.93 -6.21 2.22
C ARG D 70 61.44 -6.26 2.48
N GLN D 71 61.83 -6.51 3.73
CA GLN D 71 63.23 -6.60 4.13
C GLN D 71 64.03 -7.54 3.24
N ILE D 72 65.28 -7.16 2.93
CA ILE D 72 66.14 -7.96 2.04
C ILE D 72 66.96 -8.99 2.81
N HIS D 73 67.53 -8.56 3.94
CA HIS D 73 68.40 -9.40 4.74
C HIS D 73 67.61 -10.51 5.43
N GLU D 74 66.39 -10.18 5.82
CA GLU D 74 65.48 -11.12 6.43
C GLU D 74 64.83 -12.00 5.36
N ALA D 75 64.79 -11.51 4.12
CA ALA D 75 64.29 -12.26 2.98
C ALA D 75 65.19 -13.45 2.68
N ILE D 76 66.49 -13.21 2.71
CA ILE D 76 67.50 -14.24 2.52
C ILE D 76 67.43 -15.25 3.67
N LYS D 77 67.06 -14.77 4.85
CA LYS D 77 66.94 -15.62 6.03
C LYS D 77 65.92 -16.73 5.83
N ILE D 78 64.88 -16.45 5.05
CA ILE D 78 63.77 -17.39 4.88
C ILE D 78 63.68 -18.10 3.53
N ILE D 79 64.17 -17.48 2.46
CA ILE D 79 64.10 -18.11 1.13
C ILE D 79 65.44 -18.19 0.36
N GLY D 80 66.50 -17.65 0.97
CA GLY D 80 67.84 -17.71 0.39
C GLY D 80 68.28 -19.14 0.16
N ALA D 81 68.95 -19.36 -0.98
CA ALA D 81 69.42 -20.68 -1.37
C ALA D 81 70.42 -21.26 -0.38
N LYS D 82 70.29 -22.57 -0.09
CA LYS D 82 71.14 -23.25 0.87
C LYS D 82 71.43 -24.69 0.47
N ASP D 83 72.43 -25.30 1.12
CA ASP D 83 72.81 -26.71 0.87
C ASP D 83 71.60 -27.63 0.97
N GLY D 84 71.47 -28.53 0.00
CA GLY D 84 70.34 -29.45 -0.06
C GLY D 84 69.61 -29.41 -1.39
N ASN D 85 68.60 -28.56 -1.49
CA ASN D 85 67.84 -28.39 -2.74
C ASN D 85 67.48 -26.95 -3.04
N VAL D 86 67.51 -26.60 -4.33
CA VAL D 86 67.40 -25.22 -4.78
C VAL D 86 66.52 -25.11 -6.04
N CYS D 87 66.05 -23.89 -6.34
CA CYS D 87 65.31 -23.62 -7.58
C CYS D 87 66.02 -22.59 -8.45
N LEU D 88 66.89 -23.09 -9.31
CA LEU D 88 67.73 -22.26 -10.18
C LEU D 88 66.89 -21.53 -11.23
N ILE D 89 67.19 -20.24 -11.42
CA ILE D 89 66.57 -19.45 -12.48
C ILE D 89 67.67 -18.90 -13.40
N CYS D 90 67.46 -19.02 -14.71
CA CYS D 90 68.44 -18.57 -15.70
C CYS D 90 67.76 -17.94 -16.91
N GLU D 91 68.53 -17.72 -17.97
CA GLU D 91 68.02 -17.18 -19.24
C GLU D 91 68.46 -18.05 -20.43
N ASP D 92 69.74 -18.39 -20.47
CA ASP D 92 70.31 -19.20 -21.54
C ASP D 92 70.70 -20.58 -21.01
N GLU D 93 70.45 -21.61 -21.82
CA GLU D 93 70.60 -23.01 -21.40
C GLU D 93 71.96 -23.36 -20.80
N GLU D 94 73.01 -22.76 -21.35
CA GLU D 94 74.39 -23.05 -20.91
C GLU D 94 74.91 -22.07 -19.85
N THR D 95 74.24 -20.94 -19.71
CA THR D 95 74.47 -20.06 -18.56
C THR D 95 73.94 -20.76 -17.30
N PHE D 96 72.90 -21.58 -17.51
CA PHE D 96 72.36 -22.48 -16.49
C PHE D 96 73.37 -23.58 -16.18
N ARG D 97 73.95 -24.15 -17.23
CA ARG D 97 74.92 -25.25 -17.12
C ARG D 97 76.14 -24.90 -16.27
N LYS D 98 76.58 -23.64 -16.38
CA LYS D 98 77.73 -23.15 -15.61
C LYS D 98 77.53 -23.25 -14.10
N ILE D 99 76.37 -22.78 -13.64
CA ILE D 99 76.03 -22.79 -12.22
C ILE D 99 75.67 -24.21 -11.74
N TYR D 100 74.96 -24.94 -12.60
CA TYR D 100 74.60 -26.33 -12.34
C TYR D 100 75.84 -27.22 -12.19
N GLU D 101 76.92 -26.82 -12.88
CA GLU D 101 78.21 -27.49 -12.76
C GLU D 101 78.88 -27.21 -11.41
N LEU D 102 78.77 -25.96 -10.95
CA LEU D 102 79.35 -25.51 -9.70
C LEU D 102 78.70 -26.16 -8.46
N ILE D 103 77.37 -26.05 -8.35
CA ILE D 103 76.62 -26.82 -7.35
C ILE D 103 76.49 -28.27 -7.83
N GLY D 104 75.76 -29.11 -7.09
CA GLY D 104 75.69 -30.53 -7.43
C GLY D 104 74.33 -31.03 -7.86
N GLY D 105 74.14 -32.34 -7.72
CA GLY D 105 72.84 -33.01 -7.81
C GLY D 105 72.10 -33.00 -9.14
N GLU D 106 71.02 -33.77 -9.20
CA GLU D 106 70.19 -33.87 -10.40
C GLU D 106 69.16 -32.76 -10.47
N ILE D 107 68.87 -32.34 -11.70
CA ILE D 107 67.71 -31.51 -12.01
C ILE D 107 66.47 -32.32 -11.59
N ASP D 108 65.70 -31.77 -10.66
CA ASP D 108 64.52 -32.44 -10.12
C ASP D 108 63.40 -31.44 -9.79
N ASP D 109 62.42 -31.34 -10.70
CA ASP D 109 61.31 -30.38 -10.59
C ASP D 109 60.32 -30.75 -9.48
N SER D 110 60.46 -31.95 -8.95
CA SER D 110 59.55 -32.46 -7.93
C SER D 110 59.89 -31.95 -6.52
N VAL D 111 61.05 -31.30 -6.39
CA VAL D 111 61.44 -30.69 -5.11
C VAL D 111 60.91 -29.24 -4.99
N LEU D 112 60.43 -28.71 -6.12
CA LEU D 112 59.79 -27.41 -6.15
C LEU D 112 58.43 -27.47 -5.48
N GLU D 113 57.65 -28.50 -5.83
CA GLU D 113 56.28 -28.61 -5.35
C GLU D 113 56.14 -28.96 -3.88
N ILE D 114 54.99 -28.55 -3.35
CA ILE D 114 54.65 -28.67 -1.93
C ILE D 114 54.34 -30.12 -1.58
N ASN D 115 55.16 -30.69 -0.70
CA ASN D 115 54.91 -32.01 -0.15
C ASN D 115 53.76 -31.91 0.84
N GLU D 116 53.43 -33.01 1.50
CA GLU D 116 52.54 -32.93 2.65
C GLU D 116 53.32 -32.23 3.78
N ASP D 117 54.65 -32.27 3.66
CA ASP D 117 55.59 -31.71 4.63
C ASP D 117 55.67 -30.18 4.65
N LYS D 118 55.74 -29.59 3.45
CA LYS D 118 55.81 -28.15 3.32
C LYS D 118 54.59 -27.44 3.93
N GLU D 119 53.40 -27.92 3.58
CA GLU D 119 52.15 -27.24 3.96
C GLU D 119 51.91 -27.10 5.47
N ARG D 120 52.92 -27.42 6.29
CA ARG D 120 52.96 -27.00 7.69
C ARG D 120 54.06 -25.96 7.85
N LEU D 121 55.26 -26.33 7.38
CA LEU D 121 56.44 -25.50 7.55
C LEU D 121 56.41 -24.25 6.67
N ILE D 122 55.93 -24.40 5.44
CA ILE D 122 55.86 -23.29 4.49
C ILE D 122 54.94 -22.19 5.01
N ARG D 123 53.78 -22.59 5.54
CA ARG D 123 52.81 -21.63 6.05
C ARG D 123 52.99 -21.38 7.56
N GLU D 124 53.98 -22.02 8.17
CA GLU D 124 54.41 -21.62 9.50
C GLU D 124 55.24 -20.36 9.39
N ILE D 125 56.13 -20.35 8.40
CA ILE D 125 57.01 -19.21 8.20
C ILE D 125 56.45 -18.19 7.19
N PHE D 126 55.25 -18.46 6.69
CA PHE D 126 54.52 -17.52 5.84
C PHE D 126 53.24 -17.05 6.52
N LYS D 127 52.93 -17.65 7.67
CA LYS D 127 51.74 -17.33 8.46
C LYS D 127 50.42 -17.60 7.70
N VAL D 134 46.14 -23.30 0.42
CA VAL D 134 47.41 -23.30 1.17
C VAL D 134 48.65 -23.09 0.26
N VAL D 135 48.39 -22.98 -1.04
CA VAL D 135 49.46 -22.90 -2.04
C VAL D 135 49.37 -21.62 -2.86
N GLU D 136 48.22 -20.97 -2.82
CA GLU D 136 47.97 -19.75 -3.59
C GLU D 136 47.94 -18.59 -2.62
N ARG D 137 47.69 -18.91 -1.36
CA ARG D 137 47.74 -17.95 -0.27
C ARG D 137 49.13 -17.31 -0.24
N VAL D 138 50.16 -18.11 -0.52
CA VAL D 138 51.54 -17.65 -0.66
C VAL D 138 51.66 -16.50 -1.67
N LEU D 139 50.99 -16.64 -2.82
CA LEU D 139 51.03 -15.62 -3.88
C LEU D 139 50.42 -14.29 -3.41
N GLU D 140 49.41 -14.38 -2.56
CA GLU D 140 48.72 -13.17 -2.05
C GLU D 140 49.54 -12.44 -0.98
N LYS D 141 50.43 -13.18 -0.30
CA LYS D 141 51.40 -12.57 0.59
C LYS D 141 52.37 -11.75 -0.26
N ILE D 142 52.79 -12.33 -1.38
CA ILE D 142 53.65 -11.64 -2.35
C ILE D 142 52.93 -10.45 -2.99
N ALA D 143 51.62 -10.58 -3.17
CA ALA D 143 50.82 -9.54 -3.81
C ALA D 143 50.67 -8.31 -2.93
N LEU D 144 50.51 -8.53 -1.63
CA LEU D 144 50.31 -7.46 -0.66
C LEU D 144 51.62 -6.88 -0.15
N ILE D 145 52.72 -7.40 -0.68
CA ILE D 145 54.07 -6.99 -0.28
C ILE D 145 54.27 -5.46 -0.29
N GLU D 146 53.30 -4.73 -0.83
CA GLU D 146 53.42 -3.28 -0.97
C GLU D 146 52.27 -2.49 -0.32
N LEU D 147 51.90 -2.90 0.90
CA LEU D 147 50.84 -2.19 1.63
C LEU D 147 51.20 -1.97 3.11
#